data_9FIH
#
_entry.id   9FIH
#
_cell.length_a   63.522
_cell.length_b   116.359
_cell.length_c   190.184
_cell.angle_alpha   90.000
_cell.angle_beta   90.000
_cell.angle_gamma   90.000
#
_symmetry.space_group_name_H-M   'P 21 21 21'
#
loop_
_entity.id
_entity.type
_entity.pdbx_description
1 polymer 'NADH-quinone oxidoreductase subunit E'
2 polymer 'NADH-quinone oxidoreductase subunit F'
3 non-polymer 'FE2/S2 (INORGANIC) CLUSTER'
4 non-polymer 'SULFATE ION'
5 non-polymer 'SODIUM ION'
6 non-polymer 'IRON/SULFUR CLUSTER'
7 non-polymer 1-DEOXY-1-(7,8-DIMETHYL-2,4-DIOXO-3,4-DIHYDRO-2H-BENZO[G]PTERIDIN-1-ID-10(5H)-YL)-5-O-PHOSPHONATO-D-RIBITOL
8 non-polymer '1,4-DIHYDRONICOTINAMIDE ADENINE DINUCLEOTIDE'
9 non-polymer GLYCEROL
10 water water
#
loop_
_entity_poly.entity_id
_entity_poly.type
_entity_poly.pdbx_seq_one_letter_code
_entity_poly.pdbx_strand_id
1 'polypeptide(L)'
;MFKTEFEFPEELKTKLQEHINYFPKKRQAILLCLHEIQNYYGYIPPESLKPLADMLELPLNHVEGVVAFYDMFDREDKAK
YRIRVCVSIVCHLMGTNKLLKALENILGIKPGEVTPDGKFKIVPVQCLGACSEAPVFMVNDDEYKFESEVQLNEILSRYT
;
A,C
2 'polypeptide(L)'
;MRSYPAIPRIYAETTLNMLLKRAKKPRVHSIDEYLKDGGYQALEKALNMSPEEIIDWVDKSTLRGRGGAGFPTGKKWKFA
VQNPGPRYFICNADESEPGTFKDRIIIERDPHLLIEGIIISSYAIGANEAYIYIRGEYPAGYYILRDAIEEAKKKGFLGK
NILGSGFDLEIYVARGAGAYICGEETALIESLEGKRGHPRLKPPYPVQKGLWGKPTVVNNVETIANVRFIISMGWEEYRY
IGPSDYAGPKLFPVSGKVKKPGVYELPMNTTLREVIFKYAGGTLGNKKVKAVFSGALDCFSSEELDIPMDYSPLGFGGTG
TVIVLTEEDDIVEAALKIAEFYEHETCGQCTPCRVGCYEQANLLEKIYKGEATEQDWEGFDFVNRNIQPTSICGLGAVAG
RLIRQTLEKFPEEWEKYRKKSASLPLAGHHHHHH
;
B,D
#
loop_
_chem_comp.id
_chem_comp.type
_chem_comp.name
_chem_comp.formula
FES non-polymer 'FE2/S2 (INORGANIC) CLUSTER' 'Fe2 S2'
FNR non-polymer 1-DEOXY-1-(7,8-DIMETHYL-2,4-DIOXO-3,4-DIHYDRO-2H-BENZO[G]PTERIDIN-1-ID-10(5H)-YL)-5-O-PHOSPHONATO-D-RIBITOL 'C17 H23 N4 O9 P'
GOL non-polymer GLYCEROL 'C3 H8 O3'
NA non-polymer 'SODIUM ION' 'Na 1'
NAI non-polymer '1,4-DIHYDRONICOTINAMIDE ADENINE DINUCLEOTIDE' 'C21 H29 N7 O14 P2'
SF4 non-polymer 'IRON/SULFUR CLUSTER' 'Fe4 S4'
SO4 non-polymer 'SULFATE ION' 'O4 S -2'
#
# COMPACT_ATOMS: atom_id res chain seq x y z
N GLU A 5 19.04 49.90 -13.12
CA GLU A 5 17.69 49.94 -13.72
C GLU A 5 16.85 48.77 -13.21
N PHE A 6 17.41 47.54 -13.25
CA PHE A 6 16.69 46.34 -12.84
C PHE A 6 16.39 46.39 -11.34
N GLU A 7 15.11 46.23 -10.99
CA GLU A 7 14.65 46.25 -9.60
C GLU A 7 13.75 45.06 -9.34
N PHE A 8 13.87 44.49 -8.14
CA PHE A 8 13.01 43.42 -7.69
C PHE A 8 11.61 43.97 -7.44
N PRO A 9 10.53 43.25 -7.80
CA PRO A 9 9.18 43.62 -7.36
C PRO A 9 9.15 43.59 -5.84
N GLU A 10 8.26 44.38 -5.23
CA GLU A 10 8.29 44.58 -3.78
C GLU A 10 7.96 43.27 -3.07
N GLU A 11 7.03 42.48 -3.60
CA GLU A 11 6.66 41.25 -2.92
C GLU A 11 7.85 40.29 -2.84
N LEU A 12 8.74 40.35 -3.85
CA LEU A 12 9.91 39.49 -3.91
C LEU A 12 11.02 40.08 -3.03
N LYS A 13 11.22 41.40 -3.09
CA LYS A 13 12.23 42.08 -2.28
C LYS A 13 11.98 41.79 -0.78
N THR A 14 10.69 41.82 -0.40
CA THR A 14 10.28 41.58 0.99
C THR A 14 10.68 40.17 1.42
N LYS A 15 10.47 39.20 0.53
CA LYS A 15 10.80 37.81 0.82
C LYS A 15 12.32 37.61 0.97
N LEU A 16 13.10 38.25 0.08
CA LEU A 16 14.56 38.21 0.14
C LEU A 16 15.07 38.83 1.44
N GLN A 17 14.44 39.93 1.86
CA GLN A 17 14.80 40.60 3.11
C GLN A 17 14.59 39.67 4.31
N GLU A 18 13.52 38.86 4.26
CA GLU A 18 13.23 37.90 5.31
C GLU A 18 14.37 36.90 5.42
N HIS A 19 14.76 36.32 4.29
CA HIS A 19 15.88 35.40 4.28
C HIS A 19 17.14 36.07 4.82
N ILE A 20 17.40 37.31 4.38
CA ILE A 20 18.62 38.01 4.77
C ILE A 20 18.62 38.29 6.27
N ASN A 21 17.43 38.49 6.86
CA ASN A 21 17.32 38.77 8.28
C ASN A 21 17.27 37.51 9.12
N TYR A 22 17.20 36.33 8.48
CA TYR A 22 16.97 35.08 9.21
C TYR A 22 18.24 34.59 9.91
N PHE A 23 19.35 34.46 9.18
CA PHE A 23 20.60 34.00 9.77
C PHE A 23 21.27 35.16 10.52
N PRO A 24 22.22 34.88 11.44
CA PRO A 24 22.99 35.94 12.08
C PRO A 24 23.75 36.86 11.13
N LYS A 25 24.29 36.31 10.03
CA LYS A 25 25.03 37.10 9.06
C LYS A 25 24.29 37.06 7.73
N LYS A 26 24.22 38.22 7.05
CA LYS A 26 23.40 38.36 5.85
C LYS A 26 23.86 37.40 4.75
N ARG A 27 25.18 37.22 4.62
CA ARG A 27 25.75 36.49 3.51
C ARG A 27 25.31 35.03 3.55
N GLN A 28 24.89 34.56 4.74
CA GLN A 28 24.41 33.20 4.91
C GLN A 28 23.12 32.95 4.12
N ALA A 29 22.41 34.02 3.74
CA ALA A 29 21.13 33.90 3.07
C ALA A 29 21.25 33.70 1.56
N ILE A 30 22.47 33.57 1.02
CA ILE A 30 22.65 33.69 -0.41
C ILE A 30 21.86 32.59 -1.14
N LEU A 31 21.91 31.34 -0.66
CA LEU A 31 21.31 30.25 -1.41
C LEU A 31 19.79 30.29 -1.30
N LEU A 32 19.27 30.57 -0.10
CA LEU A 32 17.84 30.77 0.05
C LEU A 32 17.36 31.90 -0.88
N CYS A 33 18.15 32.97 -1.00
CA CYS A 33 17.76 34.10 -1.83
C CYS A 33 17.68 33.67 -3.31
N LEU A 34 18.66 32.85 -3.74
CA LEU A 34 18.77 32.43 -5.13
C LEU A 34 17.65 31.46 -5.50
N HIS A 35 17.29 30.56 -4.57
CA HIS A 35 16.13 29.70 -4.74
C HIS A 35 14.87 30.55 -4.91
N GLU A 36 14.75 31.58 -4.06
CA GLU A 36 13.57 32.43 -4.11
C GLU A 36 13.43 33.07 -5.49
N ILE A 37 14.53 33.64 -5.99
CA ILE A 37 14.56 34.34 -7.26
C ILE A 37 14.19 33.37 -8.38
N GLN A 38 14.75 32.16 -8.35
CA GLN A 38 14.51 31.18 -9.39
C GLN A 38 13.03 30.74 -9.35
N ASN A 39 12.52 30.53 -8.14
CA ASN A 39 11.11 30.20 -7.98
C ASN A 39 10.23 31.30 -8.58
N TYR A 40 10.65 32.57 -8.44
CA TYR A 40 9.83 33.70 -8.88
C TYR A 40 9.86 33.86 -10.41
N TYR A 41 11.04 33.76 -11.03
CA TYR A 41 11.20 34.14 -12.43
C TYR A 41 11.16 32.91 -13.35
N GLY A 42 11.40 31.72 -12.79
CA GLY A 42 11.53 30.51 -13.60
C GLY A 42 12.98 30.22 -13.94
N TYR A 43 13.90 31.09 -13.48
CA TYR A 43 15.32 30.99 -13.75
C TYR A 43 16.00 32.13 -12.98
N ILE A 44 17.34 32.17 -12.99
CA ILE A 44 18.09 33.27 -12.39
C ILE A 44 18.37 34.31 -13.47
N PRO A 45 17.64 35.44 -13.52
CA PRO A 45 18.00 36.53 -14.43
C PRO A 45 19.41 37.04 -14.13
N PRO A 46 20.34 37.11 -15.13
CA PRO A 46 21.63 37.78 -14.94
C PRO A 46 21.62 39.15 -14.27
N GLU A 47 20.57 39.93 -14.56
CA GLU A 47 20.47 41.30 -14.08
C GLU A 47 20.07 41.35 -12.61
N SER A 48 19.62 40.21 -12.06
CA SER A 48 19.18 40.14 -10.67
C SER A 48 20.37 40.06 -9.72
N LEU A 49 21.53 39.62 -10.21
CA LEU A 49 22.65 39.30 -9.35
C LEU A 49 23.25 40.56 -8.71
N LYS A 50 23.38 41.64 -9.49
CA LYS A 50 23.96 42.87 -8.99
C LYS A 50 23.18 43.40 -7.77
N PRO A 51 21.84 43.62 -7.87
CA PRO A 51 21.07 44.07 -6.71
C PRO A 51 21.04 43.06 -5.57
N LEU A 52 21.06 41.76 -5.90
CA LEU A 52 21.15 40.73 -4.88
C LEU A 52 22.44 40.90 -4.09
N ALA A 53 23.53 41.13 -4.81
CA ALA A 53 24.84 41.30 -4.19
C ALA A 53 24.80 42.43 -3.16
N ASP A 54 24.10 43.53 -3.48
CA ASP A 54 24.03 44.70 -2.62
C ASP A 54 23.26 44.41 -1.34
N MET A 55 22.16 43.65 -1.46
CA MET A 55 21.33 43.27 -0.32
C MET A 55 22.09 42.31 0.60
N LEU A 56 23.01 41.51 0.02
CA LEU A 56 23.83 40.57 0.77
C LEU A 56 25.12 41.21 1.29
N GLU A 57 25.42 42.42 0.82
CA GLU A 57 26.68 43.11 1.09
C GLU A 57 27.86 42.24 0.65
N LEU A 58 27.74 41.64 -0.54
CA LEU A 58 28.80 40.83 -1.12
C LEU A 58 29.17 41.42 -2.48
N PRO A 59 30.41 41.24 -2.97
CA PRO A 59 30.76 41.67 -4.32
C PRO A 59 29.98 40.84 -5.34
N LEU A 60 29.65 41.45 -6.47
CA LEU A 60 28.92 40.79 -7.55
C LEU A 60 29.65 39.50 -7.98
N ASN A 61 30.98 39.57 -7.99
CA ASN A 61 31.79 38.44 -8.43
C ASN A 61 31.49 37.21 -7.58
N HIS A 62 31.38 37.43 -6.26
CA HIS A 62 31.12 36.37 -5.29
C HIS A 62 29.78 35.70 -5.64
N VAL A 63 28.76 36.52 -5.91
CA VAL A 63 27.41 36.03 -6.20
C VAL A 63 27.42 35.21 -7.48
N GLU A 64 28.14 35.70 -8.51
CA GLU A 64 28.22 35.00 -9.77
C GLU A 64 28.90 33.65 -9.59
N GLY A 65 30.00 33.62 -8.82
CA GLY A 65 30.71 32.37 -8.58
C GLY A 65 29.82 31.33 -7.91
N VAL A 66 28.97 31.79 -6.98
CA VAL A 66 28.06 30.92 -6.27
C VAL A 66 26.98 30.38 -7.20
N VAL A 67 26.42 31.26 -8.04
CA VAL A 67 25.38 30.83 -8.97
C VAL A 67 25.97 29.77 -9.92
N ALA A 68 27.23 29.95 -10.33
CA ALA A 68 27.82 29.05 -11.30
C ALA A 68 28.11 27.69 -10.65
N PHE A 69 28.42 27.70 -9.34
CA PHE A 69 28.83 26.49 -8.65
C PHE A 69 27.65 25.53 -8.40
N TYR A 70 26.47 26.08 -8.05
CA TYR A 70 25.38 25.27 -7.55
C TYR A 70 24.44 24.87 -8.70
N ASP A 71 24.37 23.57 -8.97
CA ASP A 71 23.74 22.99 -10.17
C ASP A 71 22.22 23.22 -10.23
N MET A 72 21.56 23.44 -9.09
CA MET A 72 20.12 23.67 -9.12
C MET A 72 19.76 24.98 -9.82
N PHE A 73 20.69 25.96 -9.86
CA PHE A 73 20.41 27.26 -10.46
C PHE A 73 20.68 27.27 -11.98
N ASP A 74 19.83 27.99 -12.72
CA ASP A 74 19.80 28.00 -14.18
C ASP A 74 19.69 29.45 -14.64
N ARG A 75 20.73 29.95 -15.33
CA ARG A 75 20.74 31.33 -15.76
C ARG A 75 20.38 31.47 -17.23
N GLU A 76 19.83 30.42 -17.85
CA GLU A 76 19.69 30.37 -19.30
C GLU A 76 18.25 30.21 -19.72
N ASP A 77 17.57 29.21 -19.17
CA ASP A 77 16.22 28.88 -19.62
C ASP A 77 15.19 29.20 -18.54
N LYS A 78 14.24 30.06 -18.90
CA LYS A 78 13.01 30.25 -18.13
C LYS A 78 12.14 29.03 -18.33
N ALA A 79 11.68 28.44 -17.22
CA ALA A 79 10.74 27.35 -17.29
C ALA A 79 9.79 27.41 -16.10
N LYS A 80 8.50 27.18 -16.35
CA LYS A 80 7.50 27.27 -15.31
C LYS A 80 7.64 26.04 -14.42
N TYR A 81 7.79 24.86 -15.05
CA TYR A 81 7.93 23.61 -14.33
C TYR A 81 9.23 22.90 -14.74
N ARG A 82 10.09 22.63 -13.75
CA ARG A 82 11.29 21.84 -13.98
C ARG A 82 11.00 20.39 -13.66
N ILE A 83 11.10 19.53 -14.68
CA ILE A 83 11.01 18.10 -14.46
C ILE A 83 12.43 17.59 -14.27
N ARG A 84 12.84 17.45 -13.01
CA ARG A 84 14.13 16.87 -12.70
C ARG A 84 14.00 15.36 -12.78
N VAL A 85 14.82 14.71 -13.60
CA VAL A 85 14.81 13.28 -13.80
C VAL A 85 16.15 12.74 -13.32
N CYS A 86 16.11 11.79 -12.37
CA CYS A 86 17.32 11.18 -11.85
C CYS A 86 17.94 10.25 -12.90
N VAL A 87 19.26 10.40 -13.11
CA VAL A 87 20.01 9.62 -14.08
C VAL A 87 21.13 8.83 -13.39
N SER A 88 21.11 8.70 -12.06
CA SER A 88 22.16 7.97 -11.36
C SER A 88 21.88 6.48 -11.35
N ILE A 89 22.74 5.74 -10.65
CA ILE A 89 22.87 4.30 -10.80
C ILE A 89 21.52 3.60 -10.60
N VAL A 90 20.81 3.87 -9.49
CA VAL A 90 19.65 3.07 -9.14
C VAL A 90 18.53 3.32 -10.14
N CYS A 91 18.21 4.58 -10.39
CA CYS A 91 17.16 4.90 -11.34
C CYS A 91 17.50 4.35 -12.73
N HIS A 92 18.78 4.41 -13.09
CA HIS A 92 19.21 3.90 -14.38
C HIS A 92 18.86 2.41 -14.47
N LEU A 93 19.19 1.63 -13.43
CA LEU A 93 18.93 0.20 -13.40
C LEU A 93 17.42 -0.07 -13.50
N MET A 94 16.62 0.75 -12.83
CA MET A 94 15.21 0.44 -12.63
C MET A 94 14.34 1.12 -13.69
N GLY A 95 14.92 1.97 -14.56
CA GLY A 95 14.21 2.35 -15.78
C GLY A 95 14.13 3.87 -16.07
N THR A 96 15.21 4.62 -15.78
CA THR A 96 15.31 6.03 -16.16
C THR A 96 14.92 6.21 -17.63
N ASN A 97 15.40 5.31 -18.50
CA ASN A 97 15.21 5.47 -19.93
C ASN A 97 13.73 5.34 -20.31
N LYS A 98 12.96 4.57 -19.54
CA LYS A 98 11.53 4.44 -19.79
C LYS A 98 10.83 5.75 -19.46
N LEU A 99 11.19 6.34 -18.32
CA LEU A 99 10.67 7.64 -17.95
C LEU A 99 10.98 8.67 -19.03
N LEU A 100 12.23 8.73 -19.50
CA LEU A 100 12.62 9.73 -20.48
C LEU A 100 11.84 9.56 -21.78
N LYS A 101 11.70 8.30 -22.24
CA LYS A 101 10.96 8.01 -23.45
C LYS A 101 9.49 8.40 -23.28
N ALA A 102 8.89 8.10 -22.12
CA ALA A 102 7.51 8.53 -21.86
C ALA A 102 7.39 10.06 -21.88
N LEU A 103 8.35 10.76 -21.29
CA LEU A 103 8.37 12.22 -21.29
C LEU A 103 8.45 12.76 -22.72
N GLU A 104 9.29 12.16 -23.57
CA GLU A 104 9.40 12.58 -24.96
C GLU A 104 8.10 12.32 -25.72
N ASN A 105 7.43 11.21 -25.41
CA ASN A 105 6.14 10.89 -26.01
C ASN A 105 5.09 11.95 -25.64
N ILE A 106 5.06 12.37 -24.36
CA ILE A 106 4.01 13.25 -23.90
C ILE A 106 4.35 14.70 -24.29
N LEU A 107 5.60 15.12 -24.11
CA LEU A 107 5.93 16.54 -24.16
C LEU A 107 6.71 16.90 -25.41
N GLY A 108 7.34 15.90 -26.04
CA GLY A 108 8.10 16.11 -27.25
C GLY A 108 9.46 16.76 -26.99
N ILE A 109 10.09 16.49 -25.84
CA ILE A 109 11.39 17.05 -25.51
C ILE A 109 12.24 16.03 -24.76
N LYS A 110 13.55 16.29 -24.81
CA LYS A 110 14.58 15.45 -24.22
C LYS A 110 15.26 16.25 -23.13
N PRO A 111 16.11 15.61 -22.29
CA PRO A 111 16.78 16.31 -21.19
C PRO A 111 17.55 17.54 -21.70
N GLY A 112 17.51 18.64 -20.93
CA GLY A 112 18.17 19.87 -21.34
C GLY A 112 17.26 20.79 -22.17
N GLU A 113 16.13 20.28 -22.68
CA GLU A 113 15.25 21.03 -23.57
C GLU A 113 14.04 21.60 -22.82
N VAL A 114 13.44 22.64 -23.42
CA VAL A 114 12.29 23.35 -22.88
C VAL A 114 11.21 23.29 -23.95
N THR A 115 9.96 23.04 -23.56
CA THR A 115 8.87 23.05 -24.52
C THR A 115 8.76 24.44 -25.14
N PRO A 116 8.21 24.58 -26.36
CA PRO A 116 8.13 25.90 -27.01
C PRO A 116 7.41 26.96 -26.18
N ASP A 117 6.43 26.54 -25.37
CA ASP A 117 5.58 27.45 -24.62
C ASP A 117 6.25 27.89 -23.31
N GLY A 118 7.44 27.34 -22.99
CA GLY A 118 8.16 27.73 -21.79
C GLY A 118 7.66 27.00 -20.55
N LYS A 119 6.78 26.00 -20.73
CA LYS A 119 6.06 25.42 -19.61
C LYS A 119 6.90 24.36 -18.87
N PHE A 120 7.61 23.53 -19.62
CA PHE A 120 8.28 22.39 -19.05
C PHE A 120 9.71 22.34 -19.56
N LYS A 121 10.64 22.16 -18.62
CA LYS A 121 12.03 21.86 -18.95
C LYS A 121 12.41 20.55 -18.27
N ILE A 122 13.13 19.68 -19.00
CA ILE A 122 13.62 18.45 -18.41
C ILE A 122 15.06 18.65 -18.00
N VAL A 123 15.35 18.30 -16.74
CA VAL A 123 16.64 18.54 -16.14
C VAL A 123 17.19 17.21 -15.62
N PRO A 124 18.26 16.64 -16.22
CA PRO A 124 18.83 15.40 -15.70
C PRO A 124 19.56 15.74 -14.41
N VAL A 125 19.31 14.98 -13.33
CA VAL A 125 19.94 15.26 -12.06
C VAL A 125 20.57 13.99 -11.51
N GLN A 126 21.47 14.16 -10.53
CA GLN A 126 22.07 13.05 -9.81
C GLN A 126 21.09 12.56 -8.74
N CYS A 127 21.43 11.43 -8.11
CA CYS A 127 20.58 10.75 -7.15
C CYS A 127 19.79 11.73 -6.27
N LEU A 128 18.45 11.57 -6.25
CA LEU A 128 17.53 12.45 -5.55
C LEU A 128 17.23 11.94 -4.15
N GLY A 129 17.89 10.85 -3.73
CA GLY A 129 17.70 10.30 -2.40
C GLY A 129 16.31 9.68 -2.22
N ALA A 130 15.82 8.99 -3.28
CA ALA A 130 14.54 8.27 -3.24
C ALA A 130 14.63 6.95 -4.00
N CYS A 131 15.77 6.26 -3.85
CA CYS A 131 16.20 5.24 -4.80
C CYS A 131 15.28 4.02 -4.77
N SER A 132 14.68 3.73 -3.59
CA SER A 132 13.74 2.64 -3.46
C SER A 132 12.53 2.85 -4.37
N GLU A 133 12.27 4.10 -4.77
CA GLU A 133 11.12 4.42 -5.58
C GLU A 133 11.55 4.72 -7.02
N ALA A 134 12.71 4.17 -7.41
CA ALA A 134 13.22 4.42 -8.75
C ALA A 134 12.25 3.86 -9.80
N PRO A 135 12.12 4.46 -11.00
CA PRO A 135 12.82 5.70 -11.37
C PRO A 135 12.14 6.96 -10.84
N VAL A 136 12.92 7.88 -10.26
CA VAL A 136 12.39 9.04 -9.54
C VAL A 136 12.43 10.30 -10.43
N PHE A 137 11.42 11.15 -10.27
CA PHE A 137 11.45 12.47 -10.87
C PHE A 137 10.74 13.48 -9.97
N MET A 138 11.09 14.76 -10.18
CA MET A 138 10.42 15.87 -9.56
C MET A 138 9.76 16.72 -10.64
N VAL A 139 8.66 17.40 -10.26
CA VAL A 139 8.09 18.49 -11.01
C VAL A 139 8.09 19.71 -10.08
N ASN A 140 9.04 20.62 -10.27
CA ASN A 140 9.38 21.63 -9.25
C ASN A 140 9.61 20.90 -7.93
N ASP A 141 8.88 21.25 -6.86
CA ASP A 141 9.15 20.68 -5.54
C ASP A 141 8.48 19.32 -5.31
N ASP A 142 7.58 18.89 -6.21
CA ASP A 142 6.87 17.63 -6.00
C ASP A 142 7.71 16.48 -6.52
N GLU A 143 7.75 15.38 -5.78
CA GLU A 143 8.56 14.23 -6.17
C GLU A 143 7.67 12.99 -6.30
N TYR A 144 8.00 12.15 -7.28
CA TYR A 144 7.21 10.98 -7.63
C TYR A 144 8.07 9.81 -8.12
N LYS A 145 7.54 8.59 -7.94
CA LYS A 145 7.99 7.42 -8.70
C LYS A 145 7.25 7.36 -10.03
N PHE A 146 7.99 7.06 -11.11
CA PHE A 146 7.41 6.80 -12.42
C PHE A 146 6.93 5.35 -12.49
N GLU A 147 5.67 5.15 -12.92
CA GLU A 147 5.08 3.81 -13.00
C GLU A 147 4.89 3.42 -14.46
N SER A 148 4.39 4.36 -15.28
CA SER A 148 4.03 4.12 -16.66
C SER A 148 3.72 5.46 -17.32
N GLU A 149 3.64 5.46 -18.66
CA GLU A 149 3.29 6.65 -19.42
C GLU A 149 1.91 7.19 -19.02
N VAL A 150 0.91 6.31 -18.89
CA VAL A 150 -0.44 6.70 -18.55
C VAL A 150 -0.44 7.43 -17.20
N GLN A 151 0.31 6.88 -16.23
CA GLN A 151 0.37 7.43 -14.89
C GLN A 151 1.06 8.80 -14.93
N LEU A 152 2.15 8.89 -15.72
CA LEU A 152 2.91 10.12 -15.86
C LEU A 152 2.06 11.21 -16.52
N ASN A 153 1.37 10.85 -17.61
CA ASN A 153 0.50 11.79 -18.29
C ASN A 153 -0.48 12.46 -17.32
N GLU A 154 -1.09 11.67 -16.43
CA GLU A 154 -2.07 12.16 -15.45
C GLU A 154 -1.41 13.12 -14.45
N ILE A 155 -0.21 12.78 -13.96
CA ILE A 155 0.50 13.64 -13.02
C ILE A 155 0.76 14.99 -13.70
N LEU A 156 1.27 14.97 -14.93
CA LEU A 156 1.69 16.19 -15.60
C LEU A 156 0.48 17.06 -15.89
N SER A 157 -0.69 16.45 -16.07
CA SER A 157 -1.93 17.16 -16.32
C SER A 157 -2.35 18.02 -15.12
N ARG A 158 -1.79 17.74 -13.94
CA ARG A 158 -2.04 18.55 -12.76
C ARG A 158 -1.28 19.88 -12.82
N TYR A 159 -0.30 20.03 -13.73
CA TYR A 159 0.48 21.26 -13.82
C TYR A 159 0.04 22.07 -15.04
N THR A 160 -0.70 23.16 -14.78
CA THR A 160 -1.33 23.93 -15.85
C THR A 160 -0.56 25.21 -16.09
N ARG B 2 1.34 22.58 7.38
CA ARG B 2 0.06 22.58 6.62
C ARG B 2 0.25 21.70 5.38
N SER B 3 0.19 22.28 4.18
CA SER B 3 0.35 21.49 2.96
C SER B 3 1.83 21.47 2.54
N TYR B 4 2.37 20.28 2.21
CA TYR B 4 3.77 20.12 1.83
C TYR B 4 3.87 19.53 0.42
N PRO B 5 5.02 19.71 -0.29
CA PRO B 5 5.19 19.09 -1.61
C PRO B 5 5.04 17.57 -1.52
N ALA B 6 4.63 16.96 -2.63
CA ALA B 6 4.53 15.50 -2.72
C ALA B 6 5.88 14.82 -2.44
N ILE B 7 5.82 13.73 -1.66
CA ILE B 7 6.95 12.87 -1.37
C ILE B 7 6.52 11.44 -1.66
N PRO B 8 7.30 10.62 -2.40
CA PRO B 8 6.95 9.21 -2.56
C PRO B 8 7.03 8.53 -1.19
N ARG B 9 6.18 7.51 -1.03
CA ARG B 9 6.05 6.78 0.23
C ARG B 9 7.02 5.61 0.26
N ILE B 10 8.25 5.88 0.73
CA ILE B 10 9.26 4.85 0.90
C ILE B 10 8.80 3.87 1.98
N TYR B 11 8.96 2.58 1.68
CA TYR B 11 8.62 1.54 2.64
C TYR B 11 9.66 1.56 3.76
N ALA B 12 9.18 1.40 5.01
CA ALA B 12 10.04 1.38 6.18
C ALA B 12 9.61 0.30 7.17
N GLU B 13 10.59 -0.47 7.67
CA GLU B 13 10.32 -1.61 8.54
C GLU B 13 11.41 -1.65 9.61
N THR B 14 11.02 -2.01 10.84
CA THR B 14 11.93 -1.99 11.98
C THR B 14 11.72 -3.27 12.79
N THR B 15 12.82 -3.83 13.31
CA THR B 15 12.76 -4.88 14.32
C THR B 15 12.95 -4.28 15.71
N LEU B 16 13.36 -3.02 15.80
CA LEU B 16 13.75 -2.44 17.08
C LEU B 16 12.78 -1.37 17.56
N ASN B 17 12.03 -0.75 16.64
CA ASN B 17 11.00 0.22 16.98
C ASN B 17 11.56 1.45 17.72
N MET B 18 12.66 2.04 17.19
CA MET B 18 13.27 3.18 17.85
C MET B 18 13.24 4.39 16.91
N LEU B 19 14.20 4.42 15.97
CA LEU B 19 14.26 5.51 15.00
C LEU B 19 13.00 5.53 14.11
N LEU B 20 12.42 4.36 13.84
CA LEU B 20 11.27 4.25 12.95
C LEU B 20 9.99 3.94 13.72
N LYS B 21 9.95 4.18 15.04
CA LYS B 21 8.76 3.92 15.83
C LYS B 21 7.57 4.65 15.21
N ARG B 22 7.79 5.90 14.78
CA ARG B 22 6.77 6.68 14.11
C ARG B 22 7.04 6.75 12.60
N ALA B 23 8.32 6.80 12.22
CA ALA B 23 8.67 7.07 10.83
C ALA B 23 8.41 5.85 9.95
N LYS B 24 8.08 4.70 10.56
CA LYS B 24 7.62 3.57 9.79
C LYS B 24 6.27 3.86 9.13
N LYS B 25 5.54 4.87 9.60
CA LYS B 25 4.33 5.30 8.93
C LYS B 25 4.65 6.52 8.08
N PRO B 26 4.29 6.52 6.77
CA PRO B 26 4.74 7.54 5.83
C PRO B 26 3.92 8.83 5.83
N ARG B 27 4.09 9.60 6.90
CA ARG B 27 3.37 10.86 7.06
C ARG B 27 4.09 11.69 8.12
N VAL B 28 3.77 12.99 8.15
CA VAL B 28 4.37 13.89 9.13
C VAL B 28 3.76 13.63 10.51
N HIS B 29 4.61 13.41 11.51
CA HIS B 29 4.19 13.33 12.91
C HIS B 29 4.53 14.65 13.60
N SER B 30 3.49 15.41 13.97
CA SER B 30 3.64 16.71 14.59
C SER B 30 3.87 16.57 16.09
N ILE B 31 4.02 17.72 16.77
CA ILE B 31 4.60 17.76 18.10
C ILE B 31 3.70 17.06 19.12
N ASP B 32 2.38 17.18 18.96
CA ASP B 32 1.48 16.54 19.91
C ASP B 32 1.64 15.02 19.85
N GLU B 33 1.69 14.47 18.63
CA GLU B 33 1.91 13.04 18.48
C GLU B 33 3.25 12.63 19.11
N TYR B 34 4.27 13.49 18.94
CA TYR B 34 5.60 13.18 19.44
C TYR B 34 5.59 13.20 20.98
N LEU B 35 4.89 14.18 21.56
CA LEU B 35 4.81 14.34 23.01
C LEU B 35 4.11 13.16 23.70
N LYS B 36 3.14 12.56 23.02
CA LYS B 36 2.33 11.50 23.61
C LYS B 36 3.19 10.28 23.95
N ASP B 37 4.19 9.99 23.10
CA ASP B 37 5.10 8.86 23.27
C ASP B 37 6.26 9.20 24.21
N GLY B 38 6.23 10.36 24.86
CA GLY B 38 7.31 10.79 25.73
C GLY B 38 8.32 11.71 25.04
N GLY B 39 7.94 12.29 23.90
CA GLY B 39 8.80 13.25 23.20
C GLY B 39 9.24 14.42 24.08
N TYR B 40 10.52 14.78 23.97
CA TYR B 40 11.10 15.94 24.64
C TYR B 40 11.37 15.68 26.12
N GLN B 41 11.03 14.48 26.64
CA GLN B 41 11.34 14.17 28.03
C GLN B 41 12.83 13.89 28.21
N ALA B 42 13.49 13.36 27.17
CA ALA B 42 14.93 13.16 27.20
C ALA B 42 15.64 14.51 27.30
N LEU B 43 15.15 15.50 26.55
CA LEU B 43 15.65 16.87 26.66
C LEU B 43 15.55 17.38 28.09
N GLU B 44 14.35 17.29 28.68
CA GLU B 44 14.14 17.77 30.04
C GLU B 44 15.13 17.13 31.01
N LYS B 45 15.35 15.82 30.81
CA LYS B 45 16.31 15.07 31.61
C LYS B 45 17.74 15.58 31.36
N ALA B 46 18.07 15.85 30.07
CA ALA B 46 19.39 16.33 29.72
C ALA B 46 19.68 17.67 30.39
N LEU B 47 18.69 18.56 30.39
CA LEU B 47 18.85 19.90 30.95
C LEU B 47 19.06 19.85 32.46
N ASN B 48 18.79 18.71 33.10
CA ASN B 48 19.04 18.54 34.52
C ASN B 48 20.33 17.77 34.74
N MET B 49 21.09 17.55 33.69
CA MET B 49 22.41 16.93 33.75
C MET B 49 23.46 17.97 33.38
N SER B 50 24.71 17.73 33.77
CA SER B 50 25.81 18.58 33.32
C SER B 50 26.13 18.22 31.89
N PRO B 51 26.58 19.19 31.06
CA PRO B 51 27.03 18.88 29.71
C PRO B 51 28.03 17.73 29.68
N GLU B 52 28.96 17.73 30.63
CA GLU B 52 29.99 16.70 30.73
C GLU B 52 29.39 15.31 30.92
N GLU B 53 28.29 15.20 31.68
CA GLU B 53 27.72 13.90 31.96
C GLU B 53 27.09 13.35 30.67
N ILE B 54 26.46 14.26 29.91
CA ILE B 54 25.82 13.89 28.67
C ILE B 54 26.86 13.34 27.69
N ILE B 55 28.02 13.98 27.65
CA ILE B 55 29.09 13.57 26.76
C ILE B 55 29.55 12.17 27.18
N ASP B 56 29.72 11.99 28.48
CA ASP B 56 30.14 10.71 29.04
C ASP B 56 29.20 9.59 28.56
N TRP B 57 27.88 9.80 28.72
CA TRP B 57 26.90 8.79 28.34
C TRP B 57 26.99 8.48 26.84
N VAL B 58 27.08 9.54 26.01
CA VAL B 58 27.11 9.35 24.57
C VAL B 58 28.39 8.59 24.21
N ASP B 59 29.47 8.89 24.93
CA ASP B 59 30.72 8.15 24.77
C ASP B 59 30.53 6.68 25.15
N LYS B 60 29.93 6.40 26.31
CA LYS B 60 29.88 5.04 26.81
C LYS B 60 28.83 4.22 26.05
N SER B 61 27.93 4.89 25.32
CA SER B 61 26.97 4.23 24.45
C SER B 61 27.64 3.55 23.26
N THR B 62 28.86 4.00 22.94
CA THR B 62 29.67 3.57 21.79
C THR B 62 29.04 4.02 20.48
N LEU B 63 28.13 5.01 20.53
CA LEU B 63 27.56 5.56 19.31
C LEU B 63 28.69 6.00 18.36
N ARG B 64 28.52 5.65 17.07
CA ARG B 64 29.47 6.02 16.02
C ARG B 64 28.73 6.71 14.87
N GLY B 65 29.45 7.61 14.19
CA GLY B 65 28.90 8.49 13.18
C GLY B 65 28.19 7.72 12.07
N ARG B 66 26.91 8.04 11.87
CA ARG B 66 26.06 7.31 10.94
C ARG B 66 26.12 7.94 9.56
N GLY B 67 26.95 8.98 9.44
CA GLY B 67 27.15 9.67 8.17
C GLY B 67 27.93 8.79 7.20
N GLY B 68 28.58 7.73 7.71
CA GLY B 68 29.29 6.80 6.86
C GLY B 68 30.70 6.50 7.33
N ALA B 69 31.36 7.43 8.05
CA ALA B 69 32.74 7.19 8.48
C ALA B 69 32.81 6.46 9.83
N GLY B 70 31.74 6.52 10.62
CA GLY B 70 31.70 5.79 11.88
C GLY B 70 32.66 6.32 12.93
N PHE B 71 32.92 7.63 12.95
CA PHE B 71 33.78 8.18 14.01
C PHE B 71 33.02 8.22 15.35
N PRO B 72 33.63 7.84 16.50
CA PRO B 72 32.94 7.88 17.80
C PRO B 72 32.39 9.25 18.20
N THR B 73 31.07 9.34 18.42
CA THR B 73 30.39 10.61 18.57
C THR B 73 30.82 11.30 19.86
N GLY B 74 30.92 10.53 20.95
CA GLY B 74 31.27 11.09 22.24
C GLY B 74 32.65 11.74 22.21
N LYS B 75 33.61 11.04 21.62
CA LYS B 75 34.98 11.52 21.48
C LYS B 75 34.99 12.81 20.69
N LYS B 76 34.19 12.87 19.61
CA LYS B 76 34.12 14.08 18.79
C LYS B 76 33.69 15.27 19.65
N TRP B 77 32.68 15.04 20.50
CA TRP B 77 32.14 16.06 21.37
C TRP B 77 33.19 16.49 22.40
N LYS B 78 33.86 15.51 23.01
CA LYS B 78 34.89 15.81 23.99
C LYS B 78 35.94 16.73 23.36
N PHE B 79 36.33 16.42 22.12
CA PHE B 79 37.36 17.21 21.43
C PHE B 79 36.93 18.67 21.31
N ALA B 80 35.67 18.89 20.91
CA ALA B 80 35.14 20.23 20.73
C ALA B 80 35.17 21.04 22.04
N VAL B 81 34.73 20.42 23.13
CA VAL B 81 34.56 21.11 24.41
C VAL B 81 35.93 21.44 25.01
N GLN B 82 37.00 20.82 24.49
CA GLN B 82 38.35 21.08 24.96
C GLN B 82 38.84 22.45 24.48
N ASN B 83 38.15 23.04 23.51
CA ASN B 83 38.56 24.30 22.89
C ASN B 83 37.64 25.43 23.34
N PRO B 84 38.17 26.65 23.51
CA PRO B 84 37.35 27.78 23.97
C PRO B 84 36.17 28.10 23.07
N GLY B 85 35.07 28.57 23.68
CA GLY B 85 33.87 28.91 22.94
C GLY B 85 33.99 30.28 22.26
N PRO B 86 32.93 30.77 21.58
CA PRO B 86 31.68 30.02 21.42
C PRO B 86 31.84 28.84 20.45
N ARG B 87 30.86 27.92 20.49
CA ARG B 87 30.86 26.71 19.69
C ARG B 87 29.56 26.60 18.90
N TYR B 88 29.62 25.86 17.78
CA TYR B 88 28.46 25.67 16.92
C TYR B 88 28.18 24.18 16.75
N PHE B 89 26.90 23.86 16.53
CA PHE B 89 26.46 22.49 16.29
C PHE B 89 25.74 22.48 14.94
N ILE B 90 26.12 21.53 14.07
CA ILE B 90 25.58 21.41 12.74
C ILE B 90 25.02 19.99 12.53
N CYS B 91 23.77 19.94 12.11
CA CYS B 91 23.14 18.69 11.68
C CYS B 91 23.30 18.57 10.17
N ASN B 92 23.97 17.50 9.74
CA ASN B 92 24.26 17.27 8.34
C ASN B 92 23.10 16.50 7.73
N ALA B 93 22.24 17.20 6.96
CA ALA B 93 21.14 16.60 6.25
C ALA B 93 21.33 16.76 4.73
N ASP B 94 22.58 16.65 4.26
CA ASP B 94 22.84 16.83 2.84
C ASP B 94 22.54 15.55 2.06
N GLU B 95 22.49 14.39 2.74
CA GLU B 95 22.30 13.06 2.18
C GLU B 95 22.16 13.05 0.66
N SER B 96 23.28 12.81 -0.05
CA SER B 96 23.28 12.79 -1.51
C SER B 96 24.06 11.61 -2.11
N GLU B 97 24.54 10.68 -1.27
N GLU B 97 24.54 10.68 -1.27
CA GLU B 97 25.18 9.46 -1.74
CA GLU B 97 25.18 9.46 -1.74
C GLU B 97 24.17 8.64 -2.56
C GLU B 97 24.17 8.64 -2.56
N PRO B 98 24.51 8.16 -3.76
CA PRO B 98 23.63 7.22 -4.48
C PRO B 98 23.15 6.05 -3.63
N GLY B 99 21.85 5.76 -3.74
CA GLY B 99 21.22 4.68 -3.00
C GLY B 99 20.82 5.08 -1.56
N THR B 100 21.12 6.32 -1.15
CA THR B 100 21.04 6.68 0.26
C THR B 100 19.83 7.61 0.52
N PHE B 101 18.87 7.10 1.31
CA PHE B 101 17.61 7.79 1.56
C PHE B 101 17.08 7.50 2.99
N LYS B 102 18.00 7.18 3.90
CA LYS B 102 17.68 6.83 5.28
C LYS B 102 17.34 8.09 6.09
N ASP B 103 18.08 9.18 5.88
CA ASP B 103 17.93 10.34 6.75
C ASP B 103 16.62 11.05 6.47
N ARG B 104 16.19 11.08 5.19
CA ARG B 104 15.00 11.83 4.83
C ARG B 104 13.72 11.30 5.50
N ILE B 105 13.63 9.99 5.79
CA ILE B 105 12.40 9.53 6.39
C ILE B 105 12.29 10.01 7.84
N ILE B 106 13.42 10.21 8.54
CA ILE B 106 13.39 10.81 9.86
C ILE B 106 12.99 12.28 9.73
N ILE B 107 13.62 12.98 8.79
CA ILE B 107 13.33 14.39 8.63
C ILE B 107 11.83 14.61 8.33
N GLU B 108 11.30 13.84 7.38
CA GLU B 108 10.00 14.11 6.79
C GLU B 108 8.87 13.55 7.64
N ARG B 109 9.14 12.57 8.52
CA ARG B 109 8.07 11.85 9.21
C ARG B 109 8.13 12.01 10.73
N ASP B 110 9.32 12.22 11.29
CA ASP B 110 9.50 12.32 12.74
C ASP B 110 10.52 13.42 13.03
N PRO B 111 10.29 14.64 12.54
CA PRO B 111 11.27 15.71 12.69
C PRO B 111 11.63 16.01 14.14
N HIS B 112 10.70 15.79 15.08
CA HIS B 112 10.98 16.13 16.46
C HIS B 112 12.03 15.18 17.07
N LEU B 113 12.18 13.98 16.51
CA LEU B 113 13.23 13.10 16.97
C LEU B 113 14.59 13.76 16.72
N LEU B 114 14.74 14.34 15.53
CA LEU B 114 15.98 14.98 15.16
C LEU B 114 16.18 16.25 15.99
N ILE B 115 15.14 17.09 16.09
CA ILE B 115 15.24 18.35 16.78
C ILE B 115 15.60 18.11 18.25
N GLU B 116 14.96 17.13 18.88
CA GLU B 116 15.24 16.83 20.27
C GLU B 116 16.73 16.49 20.40
N GLY B 117 17.23 15.64 19.50
CA GLY B 117 18.65 15.32 19.48
C GLY B 117 19.57 16.54 19.31
N ILE B 118 19.15 17.49 18.46
CA ILE B 118 19.96 18.67 18.16
C ILE B 118 20.07 19.52 19.43
N ILE B 119 18.95 19.68 20.14
CA ILE B 119 18.93 20.49 21.35
C ILE B 119 19.80 19.86 22.43
N ILE B 120 19.65 18.54 22.66
CA ILE B 120 20.48 17.87 23.66
C ILE B 120 21.95 18.03 23.28
N SER B 121 22.29 17.80 22.00
CA SER B 121 23.67 17.77 21.56
C SER B 121 24.27 19.16 21.68
N SER B 122 23.49 20.17 21.30
CA SER B 122 23.91 21.56 21.39
C SER B 122 24.20 21.91 22.84
N TYR B 123 23.32 21.50 23.75
CA TYR B 123 23.52 21.77 25.16
C TYR B 123 24.80 21.10 25.65
N ALA B 124 25.06 19.87 25.17
CA ALA B 124 26.20 19.11 25.64
C ALA B 124 27.52 19.80 25.27
N ILE B 125 27.58 20.48 24.12
CA ILE B 125 28.83 21.09 23.67
C ILE B 125 28.82 22.60 23.90
N GLY B 126 27.74 23.14 24.48
CA GLY B 126 27.71 24.54 24.86
C GLY B 126 27.42 25.46 23.67
N ALA B 127 26.75 24.92 22.64
CA ALA B 127 26.39 25.70 21.48
C ALA B 127 25.01 26.34 21.68
N ASN B 128 24.94 27.64 21.38
CA ASN B 128 23.71 28.43 21.48
C ASN B 128 23.11 28.68 20.10
N GLU B 129 23.80 28.21 19.05
CA GLU B 129 23.40 28.40 17.67
C GLU B 129 23.69 27.09 16.95
N ALA B 130 22.66 26.53 16.33
CA ALA B 130 22.78 25.27 15.63
C ALA B 130 22.17 25.40 14.25
N TYR B 131 22.58 24.49 13.37
CA TYR B 131 22.15 24.54 11.99
C TYR B 131 21.73 23.14 11.55
N ILE B 132 20.69 23.10 10.74
CA ILE B 132 20.44 21.99 9.83
C ILE B 132 20.81 22.49 8.45
N TYR B 133 21.68 21.74 7.77
CA TYR B 133 21.93 21.95 6.36
C TYR B 133 21.29 20.81 5.58
N ILE B 134 20.20 21.09 4.85
CA ILE B 134 19.46 20.09 4.11
C ILE B 134 19.64 20.35 2.62
N ARG B 135 19.90 19.29 1.86
CA ARG B 135 20.08 19.43 0.43
C ARG B 135 18.88 20.13 -0.18
N GLY B 136 19.11 20.85 -1.28
CA GLY B 136 18.10 21.66 -1.93
C GLY B 136 17.04 20.81 -2.61
N GLU B 137 17.38 19.56 -2.92
CA GLU B 137 16.47 18.62 -3.55
C GLU B 137 15.56 17.94 -2.53
N TYR B 138 15.63 18.34 -1.23
CA TYR B 138 14.67 17.90 -0.22
C TYR B 138 13.80 19.09 0.20
N PRO B 139 12.99 19.68 -0.70
CA PRO B 139 12.18 20.84 -0.33
C PRO B 139 11.12 20.54 0.73
N ALA B 140 10.47 19.37 0.64
CA ALA B 140 9.47 18.99 1.62
C ALA B 140 10.11 18.93 3.00
N GLY B 141 11.28 18.28 3.08
CA GLY B 141 12.01 18.19 4.34
C GLY B 141 12.30 19.56 4.94
N TYR B 142 12.64 20.52 4.07
CA TYR B 142 12.95 21.87 4.52
C TYR B 142 11.73 22.47 5.22
N TYR B 143 10.58 22.47 4.54
CA TYR B 143 9.37 23.09 5.06
C TYR B 143 8.87 22.34 6.30
N ILE B 144 9.03 21.02 6.32
CA ILE B 144 8.59 20.22 7.45
C ILE B 144 9.45 20.56 8.66
N LEU B 145 10.76 20.69 8.47
CA LEU B 145 11.65 21.10 9.55
C LEU B 145 11.34 22.53 10.05
N ARG B 146 11.10 23.48 9.13
CA ARG B 146 10.78 24.85 9.51
C ARG B 146 9.55 24.88 10.40
N ASP B 147 8.52 24.10 10.04
CA ASP B 147 7.27 24.08 10.81
C ASP B 147 7.50 23.42 12.17
N ALA B 148 8.34 22.38 12.22
CA ALA B 148 8.58 21.66 13.45
C ALA B 148 9.34 22.53 14.45
N ILE B 149 10.33 23.27 13.95
CA ILE B 149 11.10 24.17 14.79
C ILE B 149 10.15 25.19 15.43
N GLU B 150 9.21 25.74 14.64
CA GLU B 150 8.25 26.68 15.18
C GLU B 150 7.40 26.03 16.26
N GLU B 151 6.93 24.80 16.01
CA GLU B 151 6.14 24.06 17.01
C GLU B 151 6.91 23.94 18.31
N ALA B 152 8.20 23.59 18.19
CA ALA B 152 9.08 23.36 19.32
C ALA B 152 9.26 24.65 20.11
N LYS B 153 9.43 25.76 19.36
CA LYS B 153 9.52 27.09 19.94
C LYS B 153 8.28 27.37 20.76
N LYS B 154 7.11 27.22 20.14
CA LYS B 154 5.84 27.48 20.80
C LYS B 154 5.70 26.70 22.09
N LYS B 155 6.21 25.47 22.16
CA LYS B 155 6.10 24.67 23.37
C LYS B 155 7.27 24.92 24.32
N GLY B 156 8.14 25.89 24.01
CA GLY B 156 9.22 26.30 24.89
C GLY B 156 10.46 25.38 24.90
N PHE B 157 10.67 24.58 23.85
CA PHE B 157 11.85 23.73 23.75
C PHE B 157 13.02 24.43 23.05
N LEU B 158 12.74 25.57 22.38
CA LEU B 158 13.77 26.42 21.79
C LEU B 158 13.55 27.87 22.23
N GLY B 159 14.60 28.68 22.06
CA GLY B 159 14.56 30.08 22.45
C GLY B 159 15.58 30.36 23.56
N LYS B 160 15.34 31.44 24.29
CA LYS B 160 16.13 31.81 25.43
C LYS B 160 15.63 31.06 26.66
N ASN B 161 16.57 30.65 27.52
CA ASN B 161 16.25 30.16 28.85
C ASN B 161 15.27 29.01 28.74
N ILE B 162 15.68 27.94 28.05
CA ILE B 162 14.80 26.82 27.72
C ILE B 162 14.40 26.09 29.02
N LEU B 163 13.09 26.05 29.29
CA LEU B 163 12.51 25.41 30.47
C LEU B 163 13.26 25.80 31.74
N GLY B 164 13.58 27.10 31.86
CA GLY B 164 14.17 27.63 33.07
C GLY B 164 15.63 27.25 33.29
N SER B 165 16.27 26.59 32.31
CA SER B 165 17.61 26.04 32.46
C SER B 165 18.72 27.09 32.31
N GLY B 166 18.40 28.25 31.76
CA GLY B 166 19.41 29.23 31.44
C GLY B 166 20.14 28.93 30.13
N PHE B 167 19.71 27.88 29.40
CA PHE B 167 20.33 27.53 28.13
C PHE B 167 19.53 28.13 26.97
N ASP B 168 20.24 28.83 26.08
CA ASP B 168 19.65 29.48 24.92
C ASP B 168 19.98 28.68 23.65
N LEU B 169 19.03 28.51 22.74
CA LEU B 169 19.35 27.88 21.46
C LEU B 169 18.40 28.35 20.37
N GLU B 170 18.97 28.79 19.23
CA GLU B 170 18.22 28.88 17.97
C GLU B 170 18.78 27.85 16.99
N ILE B 171 17.88 27.19 16.25
CA ILE B 171 18.22 26.29 15.17
C ILE B 171 17.82 26.96 13.86
N TYR B 172 18.81 27.15 12.98
CA TYR B 172 18.61 27.78 11.68
C TYR B 172 18.61 26.67 10.63
N VAL B 173 17.75 26.78 9.61
CA VAL B 173 17.68 25.76 8.57
C VAL B 173 18.22 26.38 7.28
N ALA B 174 19.36 25.84 6.81
CA ALA B 174 19.96 26.22 5.54
C ALA B 174 19.62 25.20 4.45
N ARG B 175 19.56 25.68 3.20
CA ARG B 175 19.32 24.79 2.07
C ARG B 175 20.54 24.71 1.15
N GLY B 176 20.81 23.49 0.66
CA GLY B 176 21.76 23.25 -0.41
C GLY B 176 21.20 23.75 -1.73
N ALA B 177 22.02 23.65 -2.80
CA ALA B 177 21.54 24.00 -4.13
C ALA B 177 22.20 23.16 -5.22
N GLY B 178 22.49 21.88 -4.94
CA GLY B 178 22.81 20.93 -6.01
C GLY B 178 24.16 20.20 -5.90
N ALA B 179 24.97 20.48 -4.87
CA ALA B 179 26.32 19.95 -4.82
C ALA B 179 26.48 18.87 -3.77
N TYR B 180 26.78 17.64 -4.21
CA TYR B 180 27.07 16.52 -3.32
C TYR B 180 28.19 16.85 -2.35
N ILE B 181 29.17 17.64 -2.82
CA ILE B 181 30.36 17.96 -2.04
C ILE B 181 29.99 18.76 -0.79
N CYS B 182 28.84 19.46 -0.81
CA CYS B 182 28.41 20.25 0.34
C CYS B 182 28.01 19.38 1.53
N GLY B 183 28.02 18.06 1.36
CA GLY B 183 27.82 17.14 2.47
C GLY B 183 29.12 16.81 3.21
N GLU B 184 30.27 17.05 2.52
CA GLU B 184 31.56 16.98 3.20
C GLU B 184 31.57 18.13 4.22
N GLU B 185 31.89 17.78 5.48
CA GLU B 185 31.61 18.68 6.60
C GLU B 185 32.25 20.07 6.43
N THR B 186 33.46 20.16 5.84
CA THR B 186 34.13 21.44 5.74
C THR B 186 33.52 22.26 4.59
N ALA B 187 33.08 21.58 3.53
CA ALA B 187 32.42 22.25 2.42
C ALA B 187 31.02 22.71 2.84
N LEU B 188 30.34 21.91 3.66
CA LEU B 188 29.10 22.34 4.26
C LEU B 188 29.30 23.65 5.02
N ILE B 189 30.37 23.71 5.83
CA ILE B 189 30.64 24.91 6.60
C ILE B 189 30.86 26.08 5.64
N GLU B 190 31.65 25.88 4.58
CA GLU B 190 31.91 26.94 3.62
C GLU B 190 30.59 27.44 3.04
N SER B 191 29.68 26.49 2.74
CA SER B 191 28.36 26.82 2.16
C SER B 191 27.50 27.60 3.17
N LEU B 192 27.60 27.24 4.45
CA LEU B 192 26.90 27.96 5.51
C LEU B 192 27.43 29.40 5.63
N GLU B 193 28.70 29.60 5.28
CA GLU B 193 29.30 30.93 5.36
C GLU B 193 28.98 31.70 4.08
N GLY B 194 28.16 31.14 3.19
CA GLY B 194 27.69 31.86 2.02
C GLY B 194 28.65 31.76 0.83
N LYS B 195 29.49 30.73 0.83
CA LYS B 195 30.47 30.57 -0.23
C LYS B 195 30.17 29.30 -1.03
N ARG B 196 31.01 29.09 -2.05
CA ARG B 196 31.04 27.84 -2.77
C ARG B 196 31.46 26.71 -1.83
N GLY B 197 31.04 25.50 -2.17
CA GLY B 197 31.25 24.34 -1.31
C GLY B 197 32.60 23.72 -1.58
N HIS B 198 33.66 24.38 -1.08
CA HIS B 198 35.03 23.93 -1.26
C HIS B 198 35.57 23.36 0.05
N PRO B 199 35.86 22.04 0.11
CA PRO B 199 36.48 21.46 1.31
C PRO B 199 37.78 22.15 1.70
N ARG B 200 38.06 22.09 3.02
CA ARG B 200 39.28 22.65 3.58
C ARG B 200 40.22 21.50 3.98
N LEU B 201 41.52 21.77 3.91
CA LEU B 201 42.55 20.88 4.42
C LEU B 201 42.25 20.55 5.88
N LYS B 202 42.28 19.25 6.19
CA LYS B 202 42.09 18.78 7.56
C LYS B 202 43.33 17.96 7.92
N PRO B 203 43.87 18.03 9.15
CA PRO B 203 43.40 18.96 10.18
C PRO B 203 43.69 20.42 9.80
N PRO B 204 43.10 21.43 10.46
CA PRO B 204 42.17 21.20 11.58
C PRO B 204 40.84 20.53 11.20
N TYR B 205 40.36 19.69 12.12
CA TYR B 205 39.00 19.18 12.07
C TYR B 205 38.07 20.28 12.58
N PRO B 206 36.78 20.27 12.18
CA PRO B 206 35.84 21.30 12.60
C PRO B 206 35.77 21.57 14.10
N VAL B 207 35.94 20.51 14.92
CA VAL B 207 35.87 20.63 16.37
C VAL B 207 36.96 21.56 16.89
N GLN B 208 38.02 21.76 16.09
CA GLN B 208 39.03 22.74 16.42
C GLN B 208 38.71 24.09 15.77
N LYS B 209 38.56 24.11 14.44
CA LYS B 209 38.21 25.30 13.67
C LYS B 209 37.18 24.90 12.63
N GLY B 210 35.99 25.50 12.72
CA GLY B 210 34.90 25.23 11.80
C GLY B 210 34.22 26.52 11.35
N LEU B 211 32.92 26.64 11.68
CA LEU B 211 32.13 27.79 11.29
C LEU B 211 32.71 29.04 11.94
N TRP B 212 33.03 30.04 11.11
CA TRP B 212 33.70 31.26 11.53
C TRP B 212 34.96 30.98 12.34
N GLY B 213 35.61 29.83 12.08
CA GLY B 213 36.84 29.45 12.75
C GLY B 213 36.65 28.95 14.18
N LYS B 214 35.40 28.72 14.61
CA LYS B 214 35.12 28.36 15.99
C LYS B 214 34.92 26.85 16.10
N PRO B 215 35.10 26.25 17.30
CA PRO B 215 34.78 24.83 17.51
C PRO B 215 33.37 24.49 17.05
N THR B 216 33.28 23.53 16.12
CA THR B 216 32.04 23.18 15.48
C THR B 216 31.93 21.65 15.42
N VAL B 217 30.82 21.10 15.95
CA VAL B 217 30.54 19.68 15.79
C VAL B 217 29.59 19.54 14.61
N VAL B 218 29.97 18.71 13.63
CA VAL B 218 29.09 18.30 12.56
C VAL B 218 28.71 16.84 12.82
N ASN B 219 27.40 16.57 12.90
CA ASN B 219 26.91 15.20 12.98
C ASN B 219 25.81 14.96 11.96
N ASN B 220 25.71 13.70 11.52
CA ASN B 220 24.70 13.23 10.60
C ASN B 220 23.33 13.12 11.28
N VAL B 221 22.25 13.33 10.51
CA VAL B 221 20.87 13.21 10.94
C VAL B 221 20.66 11.95 11.78
N GLU B 222 21.06 10.79 11.26
CA GLU B 222 20.79 9.53 11.92
C GLU B 222 21.55 9.42 13.24
N THR B 223 22.82 9.90 13.27
CA THR B 223 23.58 9.97 14.51
C THR B 223 22.76 10.69 15.57
N ILE B 224 22.28 11.88 15.22
CA ILE B 224 21.67 12.79 16.18
C ILE B 224 20.34 12.18 16.66
N ALA B 225 19.66 11.43 15.79
CA ALA B 225 18.40 10.77 16.11
C ALA B 225 18.57 9.73 17.20
N ASN B 226 19.79 9.31 17.49
CA ASN B 226 20.03 8.31 18.53
C ASN B 226 20.12 8.94 19.92
N VAL B 227 20.37 10.26 19.97
CA VAL B 227 20.74 10.92 21.21
C VAL B 227 19.59 10.86 22.22
N ARG B 228 18.35 11.11 21.78
CA ARG B 228 17.20 10.97 22.66
C ARG B 228 17.24 9.64 23.43
N PHE B 229 17.52 8.54 22.71
CA PHE B 229 17.41 7.21 23.30
C PHE B 229 18.50 6.99 24.35
N ILE B 230 19.70 7.47 24.06
CA ILE B 230 20.82 7.30 24.97
C ILE B 230 20.52 7.96 26.32
N ILE B 231 19.94 9.16 26.29
CA ILE B 231 19.60 9.87 27.51
C ILE B 231 18.39 9.20 28.17
N SER B 232 17.42 8.80 27.35
CA SER B 232 16.19 8.17 27.81
C SER B 232 16.43 6.83 28.51
N MET B 233 17.11 5.90 27.84
CA MET B 233 17.28 4.54 28.34
C MET B 233 18.49 4.47 29.26
N GLY B 234 19.41 5.43 29.13
CA GLY B 234 20.73 5.31 29.73
C GLY B 234 21.68 4.57 28.80
N TRP B 235 22.98 4.79 28.96
CA TRP B 235 23.94 4.24 28.01
C TRP B 235 24.02 2.71 28.10
N GLU B 236 23.84 2.14 29.29
CA GLU B 236 23.96 0.69 29.48
C GLU B 236 22.92 -0.04 28.63
N GLU B 237 21.67 0.43 28.76
CA GLU B 237 20.53 -0.18 28.09
C GLU B 237 20.67 -0.01 26.57
N TYR B 238 21.24 1.12 26.12
CA TYR B 238 21.47 1.35 24.69
C TYR B 238 22.47 0.34 24.12
N ARG B 239 23.51 0.05 24.90
CA ARG B 239 24.60 -0.83 24.50
C ARG B 239 24.16 -2.29 24.51
N TYR B 240 22.96 -2.55 25.00
CA TYR B 240 22.41 -3.90 25.05
C TYR B 240 21.70 -4.19 23.71
N ILE B 241 21.65 -3.19 22.84
CA ILE B 241 21.04 -3.32 21.52
C ILE B 241 22.11 -3.68 20.50
N GLY B 242 21.96 -4.87 19.93
CA GLY B 242 22.90 -5.39 18.95
C GLY B 242 24.16 -5.94 19.61
N PRO B 243 25.26 -6.07 18.84
CA PRO B 243 26.56 -6.46 19.39
C PRO B 243 27.05 -5.36 20.33
N SER B 244 27.70 -5.78 21.43
CA SER B 244 28.14 -4.85 22.48
C SER B 244 29.23 -3.91 21.94
N ASP B 245 30.04 -4.40 20.99
CA ASP B 245 31.07 -3.60 20.34
C ASP B 245 30.45 -2.53 19.44
N TYR B 246 29.50 -2.93 18.57
CA TYR B 246 28.84 -1.99 17.66
C TYR B 246 27.35 -1.93 17.99
N ALA B 247 27.01 -1.06 18.94
CA ALA B 247 25.69 -1.10 19.55
C ALA B 247 24.76 -0.08 18.90
N GLY B 248 23.46 -0.32 19.08
CA GLY B 248 22.43 0.65 18.75
C GLY B 248 21.69 0.25 17.47
N PRO B 249 20.54 0.88 17.19
CA PRO B 249 19.84 0.65 15.93
C PRO B 249 20.62 1.26 14.78
N LYS B 250 20.38 0.74 13.57
CA LYS B 250 20.99 1.27 12.35
C LYS B 250 19.95 1.19 11.24
N LEU B 251 19.89 2.26 10.44
CA LEU B 251 19.00 2.31 9.29
C LEU B 251 19.72 1.85 8.04
N PHE B 252 19.03 1.05 7.22
CA PHE B 252 19.62 0.48 6.04
C PHE B 252 18.75 0.77 4.83
N PRO B 253 19.11 1.75 3.97
CA PRO B 253 18.36 2.02 2.75
C PRO B 253 18.73 0.98 1.70
N VAL B 254 17.72 0.18 1.31
CA VAL B 254 17.92 -0.94 0.40
C VAL B 254 17.18 -0.64 -0.90
N SER B 255 17.89 -0.77 -2.04
CA SER B 255 17.33 -0.45 -3.34
C SER B 255 17.87 -1.39 -4.43
N GLY B 256 17.42 -1.14 -5.66
CA GLY B 256 17.81 -1.98 -6.79
C GLY B 256 16.88 -3.19 -6.90
N LYS B 257 17.49 -4.36 -7.12
CA LYS B 257 16.77 -5.54 -7.55
C LYS B 257 16.27 -6.36 -6.37
N VAL B 258 15.56 -5.74 -5.43
CA VAL B 258 14.98 -6.47 -4.31
C VAL B 258 13.47 -6.33 -4.41
N LYS B 259 12.75 -7.32 -3.84
CA LYS B 259 11.30 -7.33 -3.82
C LYS B 259 10.77 -6.18 -2.98
N LYS B 260 11.41 -5.90 -1.83
CA LYS B 260 10.90 -4.92 -0.89
C LYS B 260 11.91 -3.81 -0.64
N PRO B 261 12.16 -2.91 -1.61
CA PRO B 261 13.05 -1.77 -1.39
C PRO B 261 12.47 -0.78 -0.39
N GLY B 262 13.34 -0.24 0.46
CA GLY B 262 12.97 0.72 1.49
C GLY B 262 14.05 0.82 2.58
N VAL B 263 13.67 1.41 3.72
CA VAL B 263 14.57 1.56 4.86
C VAL B 263 14.26 0.51 5.94
N TYR B 264 15.29 -0.19 6.41
CA TYR B 264 15.14 -1.16 7.48
C TYR B 264 15.94 -0.76 8.71
N GLU B 265 15.29 -0.70 9.87
CA GLU B 265 15.95 -0.48 11.14
C GLU B 265 16.30 -1.81 11.76
N LEU B 266 17.60 -2.10 11.87
CA LEU B 266 18.07 -3.42 12.27
C LEU B 266 19.32 -3.25 13.14
N PRO B 267 19.66 -4.24 14.00
CA PRO B 267 20.95 -4.20 14.70
C PRO B 267 22.07 -4.52 13.72
N MET B 268 23.31 -4.25 14.12
CA MET B 268 24.44 -4.25 13.21
C MET B 268 25.15 -5.60 13.19
N ASN B 269 24.63 -6.58 13.93
CA ASN B 269 25.09 -7.96 13.76
C ASN B 269 24.32 -8.66 12.63
N THR B 270 23.32 -8.01 12.02
CA THR B 270 22.64 -8.55 10.86
C THR B 270 23.66 -8.66 9.74
N THR B 271 23.55 -9.70 8.90
CA THR B 271 24.47 -9.86 7.78
C THR B 271 23.87 -9.22 6.54
N LEU B 272 24.73 -8.95 5.56
CA LEU B 272 24.28 -8.42 4.28
C LEU B 272 23.28 -9.39 3.65
N ARG B 273 23.54 -10.69 3.74
CA ARG B 273 22.63 -11.67 3.17
C ARG B 273 21.25 -11.55 3.82
N GLU B 274 21.20 -11.41 5.16
CA GLU B 274 19.92 -11.25 5.88
C GLU B 274 19.20 -9.99 5.44
N VAL B 275 19.91 -8.87 5.27
CA VAL B 275 19.30 -7.64 4.81
C VAL B 275 18.53 -7.89 3.52
N ILE B 276 19.18 -8.58 2.57
CA ILE B 276 18.64 -8.76 1.24
C ILE B 276 17.50 -9.78 1.28
N PHE B 277 17.71 -10.91 1.96
CA PHE B 277 16.88 -12.09 1.78
C PHE B 277 15.86 -12.24 2.91
N LYS B 278 16.28 -11.97 4.14
CA LYS B 278 15.40 -12.13 5.28
C LYS B 278 14.47 -10.92 5.38
N TYR B 279 14.98 -9.69 5.17
CA TYR B 279 14.18 -8.50 5.38
C TYR B 279 13.65 -7.90 4.08
N ALA B 280 14.46 -7.80 3.02
CA ALA B 280 14.05 -7.05 1.85
C ALA B 280 13.34 -7.96 0.83
N GLY B 281 13.08 -9.21 1.20
CA GLY B 281 12.20 -10.08 0.42
C GLY B 281 12.93 -10.86 -0.68
N GLY B 282 14.26 -10.77 -0.71
CA GLY B 282 15.02 -11.45 -1.75
C GLY B 282 15.06 -10.60 -3.03
N THR B 283 15.51 -11.21 -4.13
CA THR B 283 15.77 -10.50 -5.37
C THR B 283 14.53 -10.55 -6.27
N LEU B 284 14.42 -9.54 -7.15
CA LEU B 284 13.37 -9.54 -8.16
C LEU B 284 13.60 -10.77 -9.04
N GLY B 285 12.51 -11.50 -9.33
CA GLY B 285 12.59 -12.68 -10.17
C GLY B 285 13.40 -13.81 -9.55
N ASN B 286 13.73 -13.72 -8.25
CA ASN B 286 14.55 -14.73 -7.57
C ASN B 286 15.86 -14.94 -8.32
N LYS B 287 16.37 -13.89 -8.98
CA LYS B 287 17.63 -13.99 -9.69
C LYS B 287 18.78 -13.96 -8.69
N LYS B 288 19.93 -14.49 -9.11
CA LYS B 288 21.11 -14.49 -8.27
C LYS B 288 21.69 -13.09 -8.12
N VAL B 289 22.15 -12.79 -6.90
CA VAL B 289 22.84 -11.55 -6.60
C VAL B 289 24.19 -11.57 -7.32
N LYS B 290 24.50 -10.50 -8.07
CA LYS B 290 25.81 -10.37 -8.71
C LYS B 290 26.70 -9.50 -7.81
N ALA B 291 26.23 -8.30 -7.52
CA ALA B 291 26.99 -7.40 -6.67
C ALA B 291 26.01 -6.60 -5.82
N VAL B 292 26.56 -6.08 -4.72
CA VAL B 292 25.95 -5.02 -3.95
C VAL B 292 26.88 -3.81 -4.00
N PHE B 293 26.33 -2.66 -4.37
CA PHE B 293 27.06 -1.40 -4.25
C PHE B 293 26.67 -0.77 -2.93
N SER B 294 27.69 -0.50 -2.10
CA SER B 294 27.55 0.29 -0.89
C SER B 294 27.64 1.75 -1.30
N GLY B 295 26.48 2.31 -1.67
CA GLY B 295 26.45 3.64 -2.26
C GLY B 295 27.37 3.72 -3.47
N ALA B 296 28.22 4.76 -3.50
CA ALA B 296 29.23 4.88 -4.54
C ALA B 296 30.62 4.65 -3.95
N LEU B 297 30.69 3.90 -2.84
CA LEU B 297 31.92 3.72 -2.08
C LEU B 297 32.57 2.35 -2.33
N ASP B 298 31.77 1.27 -2.27
CA ASP B 298 32.29 -0.10 -2.28
C ASP B 298 31.41 -0.97 -3.17
N CYS B 299 32.00 -2.05 -3.68
CA CYS B 299 31.29 -3.07 -4.44
C CYS B 299 31.63 -4.42 -3.83
N PHE B 300 30.59 -5.11 -3.35
CA PHE B 300 30.72 -6.44 -2.77
C PHE B 300 30.18 -7.46 -3.77
N SER B 301 30.85 -8.60 -3.82
CA SER B 301 30.46 -9.70 -4.69
C SER B 301 29.54 -10.63 -3.92
N SER B 302 28.94 -11.58 -4.63
CA SER B 302 28.04 -12.55 -4.02
C SER B 302 28.78 -13.49 -3.09
N GLU B 303 30.12 -13.44 -3.08
CA GLU B 303 30.90 -14.25 -2.16
C GLU B 303 31.14 -13.48 -0.85
N GLU B 304 30.63 -12.26 -0.74
CA GLU B 304 30.89 -11.47 0.46
C GLU B 304 29.58 -11.11 1.19
N LEU B 305 28.53 -11.92 1.06
CA LEU B 305 27.22 -11.57 1.61
C LEU B 305 27.14 -11.88 3.10
N ASP B 306 28.02 -12.75 3.60
CA ASP B 306 27.92 -13.19 4.97
C ASP B 306 28.67 -12.27 5.92
N ILE B 307 28.86 -11.00 5.56
CA ILE B 307 29.58 -10.08 6.43
C ILE B 307 28.57 -9.35 7.31
N PRO B 308 28.97 -8.92 8.53
CA PRO B 308 28.11 -8.12 9.39
C PRO B 308 27.98 -6.68 8.89
N MET B 309 26.84 -6.07 9.20
CA MET B 309 26.52 -4.71 8.75
C MET B 309 26.97 -3.74 9.83
N ASP B 310 28.25 -3.83 10.22
CA ASP B 310 28.81 -3.08 11.34
C ASP B 310 30.00 -2.25 10.84
N TYR B 311 30.68 -1.60 11.79
CA TYR B 311 31.81 -0.72 11.48
C TYR B 311 33.13 -1.45 11.76
N SER B 312 33.09 -2.79 11.74
CA SER B 312 34.27 -3.59 11.98
C SER B 312 35.14 -3.65 10.72
N PRO B 313 36.43 -4.04 10.82
CA PRO B 313 37.29 -4.17 9.64
C PRO B 313 36.74 -5.06 8.52
N LEU B 314 36.13 -6.20 8.87
CA LEU B 314 35.58 -7.12 7.87
C LEU B 314 34.12 -6.80 7.57
N GLY B 315 33.56 -5.72 8.15
CA GLY B 315 32.14 -5.42 8.03
C GLY B 315 31.83 -4.57 6.80
N PHE B 316 30.55 -4.31 6.59
CA PHE B 316 30.04 -3.59 5.43
C PHE B 316 30.40 -2.11 5.55
N GLY B 317 30.24 -1.55 6.75
CA GLY B 317 30.61 -0.16 7.01
C GLY B 317 29.76 0.80 6.20
N GLY B 318 30.29 2.00 5.97
CA GLY B 318 29.63 3.00 5.14
C GLY B 318 28.37 3.55 5.80
N THR B 319 27.40 3.96 4.95
CA THR B 319 26.11 4.45 5.39
C THR B 319 25.14 3.30 5.66
N GLY B 320 25.52 2.04 5.35
CA GLY B 320 24.59 0.92 5.34
C GLY B 320 23.75 0.82 4.07
N THR B 321 24.11 1.59 3.04
CA THR B 321 23.37 1.65 1.80
C THR B 321 23.60 0.36 1.02
N VAL B 322 22.50 -0.25 0.57
CA VAL B 322 22.53 -1.56 -0.10
C VAL B 322 21.80 -1.45 -1.43
N ILE B 323 22.58 -1.31 -2.54
CA ILE B 323 22.05 -1.34 -3.89
C ILE B 323 22.35 -2.72 -4.49
N VAL B 324 21.31 -3.45 -4.88
CA VAL B 324 21.47 -4.85 -5.28
C VAL B 324 21.43 -4.92 -6.81
N LEU B 325 22.48 -5.51 -7.39
CA LEU B 325 22.48 -5.89 -8.79
C LEU B 325 22.38 -7.41 -8.87
N THR B 326 21.65 -7.90 -9.88
CA THR B 326 21.54 -9.33 -10.09
C THR B 326 22.25 -9.72 -11.39
N GLU B 327 22.04 -10.98 -11.79
CA GLU B 327 22.95 -11.69 -12.67
C GLU B 327 22.95 -11.13 -14.08
N GLU B 328 21.88 -10.44 -14.47
CA GLU B 328 21.84 -9.89 -15.82
C GLU B 328 22.24 -8.41 -15.86
N ASP B 329 22.61 -7.81 -14.73
CA ASP B 329 23.04 -6.42 -14.71
C ASP B 329 24.50 -6.31 -15.13
N ASP B 330 24.75 -5.46 -16.13
CA ASP B 330 26.08 -5.26 -16.70
C ASP B 330 26.92 -4.40 -15.73
N ILE B 331 28.02 -4.98 -15.21
CA ILE B 331 28.82 -4.34 -14.18
C ILE B 331 29.57 -3.14 -14.75
N VAL B 332 29.83 -3.14 -16.06
CA VAL B 332 30.57 -2.06 -16.69
C VAL B 332 29.62 -0.87 -16.89
N GLU B 333 28.41 -1.17 -17.36
CA GLU B 333 27.36 -0.16 -17.45
C GLU B 333 27.15 0.51 -16.09
N ALA B 334 27.21 -0.30 -15.01
CA ALA B 334 26.94 0.16 -13.67
C ALA B 334 28.09 1.04 -13.17
N ALA B 335 29.32 0.56 -13.42
CA ALA B 335 30.52 1.32 -13.12
C ALA B 335 30.53 2.66 -13.82
N LEU B 336 30.04 2.69 -15.07
CA LEU B 336 29.99 3.94 -15.80
C LEU B 336 29.14 4.95 -15.03
N LYS B 337 28.02 4.49 -14.46
CA LYS B 337 27.10 5.35 -13.74
C LYS B 337 27.79 5.95 -12.50
N ILE B 338 28.65 5.16 -11.87
CA ILE B 338 29.39 5.61 -10.71
C ILE B 338 30.44 6.63 -11.17
N ALA B 339 31.14 6.35 -12.27
CA ALA B 339 32.12 7.28 -12.81
C ALA B 339 31.44 8.60 -13.14
N GLU B 340 30.24 8.53 -13.70
CA GLU B 340 29.51 9.73 -14.10
C GLU B 340 29.17 10.57 -12.87
N PHE B 341 28.86 9.92 -11.76
CA PHE B 341 28.54 10.62 -10.53
C PHE B 341 29.72 11.48 -10.07
N TYR B 342 30.90 10.85 -9.92
CA TYR B 342 32.08 11.56 -9.44
C TYR B 342 32.48 12.68 -10.40
N GLU B 343 32.30 12.47 -11.71
CA GLU B 343 32.54 13.51 -12.71
C GLU B 343 31.70 14.77 -12.44
N HIS B 344 30.44 14.57 -12.05
N HIS B 344 30.44 14.57 -12.04
CA HIS B 344 29.48 15.65 -11.89
CA HIS B 344 29.48 15.65 -11.89
C HIS B 344 29.66 16.36 -10.54
C HIS B 344 29.67 16.36 -10.55
N GLU B 345 30.38 15.73 -9.59
CA GLU B 345 30.46 16.25 -8.22
C GLU B 345 31.85 16.74 -7.78
N THR B 346 32.94 16.38 -8.47
CA THR B 346 34.24 16.90 -8.05
C THR B 346 34.14 18.43 -7.97
N CYS B 347 34.71 19.04 -6.92
CA CYS B 347 34.70 20.50 -6.81
C CYS B 347 35.82 21.16 -7.62
N GLY B 348 36.86 20.40 -7.99
CA GLY B 348 37.87 20.87 -8.93
C GLY B 348 39.10 21.54 -8.29
N GLN B 349 39.16 21.63 -6.95
CA GLN B 349 40.27 22.28 -6.24
C GLN B 349 41.59 21.53 -6.43
N CYS B 350 41.53 20.19 -6.39
CA CYS B 350 42.71 19.34 -6.48
C CYS B 350 42.84 18.81 -7.91
N THR B 351 44.06 18.90 -8.47
CA THR B 351 44.22 18.68 -9.91
C THR B 351 43.91 17.22 -10.24
N PRO B 352 44.49 16.20 -9.56
CA PRO B 352 44.20 14.81 -9.92
C PRO B 352 42.73 14.43 -9.78
N CYS B 353 42.04 14.98 -8.77
CA CYS B 353 40.62 14.78 -8.60
C CYS B 353 39.83 15.44 -9.74
N ARG B 354 40.11 16.73 -10.02
CA ARG B 354 39.45 17.46 -11.08
C ARG B 354 39.53 16.71 -12.41
N VAL B 355 40.77 16.39 -12.84
CA VAL B 355 41.05 15.78 -14.12
C VAL B 355 40.67 14.29 -14.10
N GLY B 356 41.01 13.60 -13.00
CA GLY B 356 40.79 12.17 -12.84
C GLY B 356 39.31 11.80 -12.90
N CYS B 357 38.47 12.52 -12.17
CA CYS B 357 37.04 12.21 -12.17
C CYS B 357 36.49 12.41 -13.58
N TYR B 358 36.97 13.46 -14.26
CA TYR B 358 36.50 13.78 -15.60
C TYR B 358 36.92 12.69 -16.59
N GLU B 359 38.22 12.38 -16.61
CA GLU B 359 38.77 11.43 -17.56
C GLU B 359 38.24 10.02 -17.30
N GLN B 360 38.04 9.66 -16.03
CA GLN B 360 37.54 8.33 -15.72
C GLN B 360 36.19 8.11 -16.40
N ALA B 361 35.29 9.10 -16.29
CA ALA B 361 33.98 9.01 -16.91
C ALA B 361 34.10 8.99 -18.44
N ASN B 362 34.85 9.93 -18.97
CA ASN B 362 34.99 10.14 -20.41
C ASN B 362 35.51 8.86 -21.08
N LEU B 363 36.53 8.26 -20.47
CA LEU B 363 37.18 7.09 -21.04
C LEU B 363 36.31 5.85 -20.84
N LEU B 364 35.70 5.73 -19.66
CA LEU B 364 34.83 4.58 -19.40
C LEU B 364 33.67 4.58 -20.39
N GLU B 365 33.15 5.76 -20.72
CA GLU B 365 32.06 5.83 -21.68
C GLU B 365 32.49 5.29 -23.05
N LYS B 366 33.72 5.63 -23.47
CA LYS B 366 34.27 5.14 -24.72
C LYS B 366 34.36 3.61 -24.69
N ILE B 367 34.86 3.07 -23.57
CA ILE B 367 35.01 1.63 -23.38
C ILE B 367 33.64 1.00 -23.52
N TYR B 368 32.66 1.55 -22.80
CA TYR B 368 31.31 0.99 -22.78
C TYR B 368 30.72 0.99 -24.19
N LYS B 369 30.95 2.07 -24.97
CA LYS B 369 30.38 2.19 -26.30
C LYS B 369 31.22 1.49 -27.37
N GLY B 370 32.35 0.88 -26.99
CA GLY B 370 33.17 0.10 -27.90
C GLY B 370 34.06 0.96 -28.79
N GLU B 371 34.33 2.22 -28.40
CA GLU B 371 35.05 3.17 -29.24
C GLU B 371 36.41 3.50 -28.63
N ALA B 372 36.84 2.73 -27.62
CA ALA B 372 38.05 3.08 -26.90
C ALA B 372 39.24 2.49 -27.63
N THR B 373 40.28 3.33 -27.84
CA THR B 373 41.54 2.86 -28.38
C THR B 373 42.26 2.07 -27.28
N GLU B 374 43.27 1.31 -27.68
CA GLU B 374 44.17 0.65 -26.73
C GLU B 374 44.72 1.67 -25.71
N GLN B 375 45.10 2.85 -26.19
CA GLN B 375 45.63 3.89 -25.32
C GLN B 375 44.57 4.35 -24.31
N ASP B 376 43.32 4.47 -24.78
CA ASP B 376 42.18 4.83 -23.94
C ASP B 376 42.03 3.83 -22.78
N TRP B 377 42.16 2.54 -23.09
CA TRP B 377 42.06 1.47 -22.10
C TRP B 377 43.13 1.64 -21.03
N GLU B 378 44.40 1.65 -21.46
CA GLU B 378 45.50 1.80 -20.53
C GLU B 378 45.35 3.11 -19.74
N GLY B 379 44.84 4.16 -20.40
CA GLY B 379 44.67 5.46 -19.78
C GLY B 379 43.59 5.41 -18.69
N PHE B 380 42.51 4.69 -18.98
CA PHE B 380 41.45 4.48 -18.01
C PHE B 380 42.00 3.83 -16.74
N ASP B 381 42.77 2.75 -16.90
CA ASP B 381 43.36 2.08 -15.78
C ASP B 381 44.23 3.03 -14.96
N PHE B 382 45.10 3.78 -15.65
CA PHE B 382 46.00 4.73 -15.01
C PHE B 382 45.21 5.75 -14.19
N VAL B 383 44.25 6.39 -14.85
CA VAL B 383 43.50 7.49 -14.28
C VAL B 383 42.76 6.99 -13.04
N ASN B 384 42.15 5.81 -13.15
CA ASN B 384 41.40 5.22 -12.04
C ASN B 384 42.28 5.08 -10.80
N ARG B 385 43.57 4.76 -10.99
CA ARG B 385 44.48 4.57 -9.86
C ARG B 385 45.10 5.88 -9.38
N ASN B 386 44.75 7.04 -9.99
CA ASN B 386 45.48 8.27 -9.76
C ASN B 386 44.55 9.48 -9.64
N ILE B 387 43.40 9.27 -9.01
CA ILE B 387 42.51 10.37 -8.66
C ILE B 387 42.87 10.88 -7.26
N GLN B 388 43.36 9.98 -6.40
CA GLN B 388 43.58 10.24 -4.99
C GLN B 388 44.70 11.25 -4.73
N PRO B 389 45.88 11.17 -5.40
CA PRO B 389 47.03 12.00 -5.02
C PRO B 389 46.74 13.48 -4.82
N THR B 390 47.19 14.01 -3.66
CA THR B 390 47.12 15.42 -3.25
C THR B 390 45.72 15.82 -2.80
N SER B 391 44.75 14.89 -2.87
CA SER B 391 43.36 15.17 -2.55
C SER B 391 43.23 15.62 -1.10
N ILE B 392 42.39 16.64 -0.85
CA ILE B 392 42.20 17.15 0.50
C ILE B 392 40.85 16.75 1.10
N CYS B 393 40.03 15.94 0.39
CA CYS B 393 38.79 15.42 0.95
C CYS B 393 38.54 14.02 0.40
N GLY B 394 37.50 13.39 0.95
CA GLY B 394 37.24 11.96 0.78
C GLY B 394 36.74 11.62 -0.62
N LEU B 395 36.21 12.61 -1.36
CA LEU B 395 35.72 12.35 -2.70
C LEU B 395 36.89 11.88 -3.57
N GLY B 396 37.97 12.68 -3.60
CA GLY B 396 39.12 12.36 -4.40
C GLY B 396 39.68 11.01 -3.97
N ALA B 397 39.62 10.73 -2.67
CA ALA B 397 40.24 9.53 -2.13
C ALA B 397 39.46 8.27 -2.54
N VAL B 398 38.17 8.37 -2.91
CA VAL B 398 37.39 7.17 -3.15
C VAL B 398 36.81 7.09 -4.56
N ALA B 399 37.01 8.10 -5.40
CA ALA B 399 36.26 8.21 -6.63
C ALA B 399 36.59 7.06 -7.60
N GLY B 400 37.72 6.38 -7.38
CA GLY B 400 38.14 5.24 -8.19
C GLY B 400 37.94 3.90 -7.47
N ARG B 401 37.54 3.94 -6.19
CA ARG B 401 37.58 2.79 -5.31
C ARG B 401 36.60 1.71 -5.77
N LEU B 402 35.32 2.06 -5.89
CA LEU B 402 34.30 1.09 -6.30
C LEU B 402 34.65 0.50 -7.66
N ILE B 403 35.03 1.38 -8.61
CA ILE B 403 35.31 0.93 -9.97
C ILE B 403 36.48 -0.07 -9.97
N ARG B 404 37.55 0.26 -9.24
CA ARG B 404 38.69 -0.65 -9.09
C ARG B 404 38.21 -1.98 -8.52
N GLN B 405 37.29 -1.94 -7.54
CA GLN B 405 36.78 -3.18 -6.97
C GLN B 405 36.05 -4.01 -8.03
N THR B 406 35.28 -3.38 -8.93
CA THR B 406 34.63 -4.13 -10.01
C THR B 406 35.68 -4.76 -10.92
N LEU B 407 36.79 -4.05 -11.17
CA LEU B 407 37.81 -4.55 -12.08
C LEU B 407 38.42 -5.82 -11.51
N GLU B 408 38.64 -5.86 -10.19
CA GLU B 408 39.27 -6.98 -9.52
C GLU B 408 38.30 -8.14 -9.32
N LYS B 409 37.01 -7.87 -9.15
CA LYS B 409 36.05 -8.90 -8.77
C LYS B 409 35.27 -9.47 -9.96
N PHE B 410 35.23 -8.75 -11.10
CA PHE B 410 34.52 -9.20 -12.30
C PHE B 410 35.41 -9.00 -13.53
N PRO B 411 36.62 -9.60 -13.55
CA PRO B 411 37.56 -9.40 -14.67
C PRO B 411 37.04 -9.96 -15.99
N GLU B 412 36.25 -11.05 -15.90
CA GLU B 412 35.74 -11.70 -17.10
C GLU B 412 34.84 -10.73 -17.85
N GLU B 413 33.98 -9.99 -17.13
CA GLU B 413 33.07 -9.06 -17.77
C GLU B 413 33.80 -7.87 -18.38
N TRP B 414 34.84 -7.37 -17.68
CA TRP B 414 35.63 -6.27 -18.22
C TRP B 414 36.39 -6.71 -19.46
N GLU B 415 37.03 -7.88 -19.39
CA GLU B 415 37.81 -8.43 -20.49
C GLU B 415 36.96 -8.50 -21.76
N LYS B 416 35.65 -8.73 -21.63
CA LYS B 416 34.78 -8.78 -22.79
C LYS B 416 34.74 -7.42 -23.47
N TYR B 417 34.74 -6.35 -22.67
CA TYR B 417 34.75 -5.00 -23.21
C TYR B 417 36.08 -4.67 -23.90
N ARG B 418 37.18 -5.29 -23.45
CA ARG B 418 38.49 -5.09 -24.07
C ARG B 418 38.52 -5.77 -25.45
N LYS B 419 37.85 -6.93 -25.56
CA LYS B 419 37.66 -7.57 -26.85
C LYS B 419 36.92 -6.58 -27.77
N GLU C 5 -10.15 -24.82 34.52
CA GLU C 5 -9.49 -26.06 34.06
C GLU C 5 -9.02 -25.90 32.61
N PHE C 6 -9.94 -25.70 31.66
CA PHE C 6 -9.55 -25.64 30.25
C PHE C 6 -8.76 -24.36 29.97
N GLU C 7 -7.65 -24.48 29.23
CA GLU C 7 -6.86 -23.33 28.81
C GLU C 7 -6.39 -23.51 27.37
N PHE C 8 -6.30 -22.41 26.63
CA PHE C 8 -5.85 -22.43 25.25
C PHE C 8 -4.32 -22.47 25.20
N PRO C 9 -3.70 -23.39 24.43
CA PRO C 9 -2.25 -23.35 24.21
C PRO C 9 -1.84 -21.94 23.77
N GLU C 10 -0.67 -21.49 24.24
CA GLU C 10 -0.22 -20.11 24.03
C GLU C 10 -0.19 -19.75 22.54
N GLU C 11 0.15 -20.73 21.70
CA GLU C 11 0.16 -20.57 20.25
C GLU C 11 -1.19 -20.09 19.73
N LEU C 12 -2.26 -20.60 20.32
CA LEU C 12 -3.61 -20.26 19.89
C LEU C 12 -4.06 -18.95 20.55
N LYS C 13 -3.78 -18.80 21.85
CA LYS C 13 -4.20 -17.63 22.62
C LYS C 13 -3.65 -16.35 22.00
N THR C 14 -2.42 -16.41 21.47
CA THR C 14 -1.78 -15.26 20.85
C THR C 14 -2.59 -14.83 19.63
N LYS C 15 -3.04 -15.80 18.82
CA LYS C 15 -3.80 -15.48 17.63
C LYS C 15 -5.15 -14.88 18.01
N LEU C 16 -5.79 -15.45 19.03
CA LEU C 16 -7.08 -14.93 19.48
C LEU C 16 -6.92 -13.47 19.90
N GLN C 17 -5.80 -13.16 20.56
CA GLN C 17 -5.57 -11.83 21.09
C GLN C 17 -5.35 -10.84 19.94
N GLU C 18 -4.72 -11.30 18.85
CA GLU C 18 -4.53 -10.49 17.65
C GLU C 18 -5.90 -10.08 17.10
N HIS C 19 -6.81 -11.06 16.95
CA HIS C 19 -8.15 -10.80 16.46
C HIS C 19 -8.87 -9.82 17.39
N ILE C 20 -8.84 -10.09 18.69
CA ILE C 20 -9.54 -9.27 19.67
C ILE C 20 -9.01 -7.83 19.66
N ASN C 21 -7.73 -7.66 19.30
CA ASN C 21 -7.13 -6.34 19.22
C ASN C 21 -7.33 -5.66 17.86
N TYR C 22 -7.83 -6.40 16.85
CA TYR C 22 -7.88 -5.89 15.48
C TYR C 22 -9.00 -4.87 15.31
N PHE C 23 -10.22 -5.23 15.71
CA PHE C 23 -11.35 -4.34 15.57
C PHE C 23 -11.35 -3.29 16.66
N PRO C 24 -12.10 -2.18 16.49
CA PRO C 24 -12.24 -1.18 17.54
C PRO C 24 -12.85 -1.74 18.83
N LYS C 25 -13.75 -2.74 18.71
CA LYS C 25 -14.35 -3.34 19.88
C LYS C 25 -14.05 -4.83 19.92
N LYS C 26 -13.79 -5.35 21.13
CA LYS C 26 -13.36 -6.72 21.31
C LYS C 26 -14.42 -7.70 20.79
N ARG C 27 -15.70 -7.41 21.02
CA ARG C 27 -16.75 -8.36 20.69
C ARG C 27 -16.85 -8.61 19.20
N GLN C 28 -16.37 -7.66 18.36
CA GLN C 28 -16.45 -7.79 16.91
C GLN C 28 -15.61 -8.97 16.40
N ALA C 29 -14.67 -9.46 17.23
CA ALA C 29 -13.72 -10.50 16.86
C ALA C 29 -14.26 -11.92 17.02
N ILE C 30 -15.53 -12.07 17.44
CA ILE C 30 -16.03 -13.36 17.88
C ILE C 30 -15.91 -14.42 16.77
N LEU C 31 -16.26 -14.06 15.53
CA LEU C 31 -16.27 -15.01 14.44
C LEU C 31 -14.85 -15.40 14.01
N LEU C 32 -13.93 -14.42 13.96
CA LEU C 32 -12.55 -14.71 13.63
C LEU C 32 -11.93 -15.65 14.66
N CYS C 33 -12.29 -15.45 15.94
CA CYS C 33 -11.80 -16.29 17.02
C CYS C 33 -12.30 -17.72 16.87
N LEU C 34 -13.56 -17.87 16.48
CA LEU C 34 -14.16 -19.20 16.40
C LEU C 34 -13.60 -19.94 15.18
N HIS C 35 -13.37 -19.22 14.08
CA HIS C 35 -12.67 -19.80 12.94
C HIS C 35 -11.32 -20.33 13.42
N GLU C 36 -10.65 -19.53 14.23
CA GLU C 36 -9.29 -19.85 14.64
C GLU C 36 -9.29 -21.12 15.49
N ILE C 37 -10.26 -21.21 16.42
CA ILE C 37 -10.38 -22.33 17.34
C ILE C 37 -10.68 -23.59 16.53
N GLN C 38 -11.59 -23.49 15.57
CA GLN C 38 -11.94 -24.63 14.73
C GLN C 38 -10.74 -25.06 13.88
N ASN C 39 -9.96 -24.07 13.42
CA ASN C 39 -8.78 -24.37 12.65
C ASN C 39 -7.81 -25.20 13.50
N TYR C 40 -7.65 -24.83 14.79
CA TYR C 40 -6.67 -25.45 15.66
C TYR C 40 -7.07 -26.87 16.07
N TYR C 41 -8.36 -27.10 16.44
CA TYR C 41 -8.76 -28.37 17.04
C TYR C 41 -9.40 -29.32 16.02
N GLY C 42 -9.91 -28.80 14.90
CA GLY C 42 -10.64 -29.63 13.95
C GLY C 42 -12.15 -29.60 14.22
N TYR C 43 -12.55 -28.74 15.16
CA TYR C 43 -13.93 -28.55 15.56
C TYR C 43 -13.94 -27.48 16.67
N ILE C 44 -15.12 -27.12 17.18
CA ILE C 44 -15.22 -26.21 18.30
C ILE C 44 -15.39 -27.02 19.58
N PRO C 45 -14.34 -27.18 20.43
CA PRO C 45 -14.49 -27.87 21.71
C PRO C 45 -15.41 -27.06 22.62
N PRO C 46 -16.48 -27.66 23.18
CA PRO C 46 -17.43 -26.96 24.05
C PRO C 46 -16.75 -26.26 25.23
N GLU C 47 -15.75 -26.91 25.83
CA GLU C 47 -15.00 -26.37 26.96
C GLU C 47 -14.23 -25.10 26.57
N SER C 48 -14.11 -24.82 25.27
CA SER C 48 -13.37 -23.66 24.79
C SER C 48 -14.17 -22.36 24.87
N LEU C 49 -15.50 -22.47 24.97
CA LEU C 49 -16.36 -21.31 24.82
C LEU C 49 -16.32 -20.38 26.03
N LYS C 50 -16.17 -20.91 27.24
CA LYS C 50 -16.19 -20.06 28.42
C LYS C 50 -14.95 -19.16 28.48
N PRO C 51 -13.73 -19.68 28.23
CA PRO C 51 -12.53 -18.83 28.19
C PRO C 51 -12.60 -17.81 27.06
N LEU C 52 -13.15 -18.22 25.91
CA LEU C 52 -13.29 -17.31 24.79
C LEU C 52 -14.22 -16.15 25.17
N ALA C 53 -15.32 -16.48 25.85
CA ALA C 53 -16.30 -15.50 26.27
C ALA C 53 -15.64 -14.47 27.19
N ASP C 54 -14.79 -14.95 28.11
CA ASP C 54 -14.09 -14.07 29.04
C ASP C 54 -13.18 -13.11 28.30
N MET C 55 -12.47 -13.62 27.27
CA MET C 55 -11.55 -12.82 26.48
C MET C 55 -12.30 -11.79 25.65
N LEU C 56 -13.50 -12.16 25.18
CA LEU C 56 -14.36 -11.24 24.43
C LEU C 56 -15.14 -10.31 25.36
N GLU C 57 -15.13 -10.59 26.67
CA GLU C 57 -15.97 -9.89 27.63
C GLU C 57 -17.42 -10.00 27.19
N LEU C 58 -17.86 -11.22 26.89
CA LEU C 58 -19.26 -11.47 26.57
C LEU C 58 -19.79 -12.52 27.54
N PRO C 59 -21.12 -12.59 27.74
CA PRO C 59 -21.72 -13.72 28.45
C PRO C 59 -21.48 -14.99 27.64
N LEU C 60 -21.33 -16.11 28.35
CA LEU C 60 -21.10 -17.40 27.73
C LEU C 60 -22.26 -17.73 26.79
N ASN C 61 -23.49 -17.42 27.20
CA ASN C 61 -24.65 -17.87 26.44
C ASN C 61 -24.72 -17.09 25.13
N HIS C 62 -24.24 -15.84 25.13
CA HIS C 62 -24.12 -15.07 23.90
C HIS C 62 -23.26 -15.84 22.91
N VAL C 63 -22.10 -16.32 23.41
CA VAL C 63 -21.12 -17.00 22.61
C VAL C 63 -21.70 -18.31 22.08
N GLU C 64 -22.35 -19.07 22.96
CA GLU C 64 -23.02 -20.32 22.60
C GLU C 64 -24.04 -20.09 21.50
N GLY C 65 -24.86 -19.03 21.61
CA GLY C 65 -25.86 -18.70 20.60
C GLY C 65 -25.21 -18.42 19.24
N VAL C 66 -24.07 -17.72 19.27
CA VAL C 66 -23.36 -17.42 18.05
C VAL C 66 -22.88 -18.72 17.40
N VAL C 67 -22.24 -19.60 18.18
CA VAL C 67 -21.73 -20.86 17.65
C VAL C 67 -22.87 -21.65 17.00
N ALA C 68 -24.04 -21.70 17.66
CA ALA C 68 -25.20 -22.43 17.16
C ALA C 68 -25.73 -21.82 15.85
N PHE C 69 -25.67 -20.49 15.72
CA PHE C 69 -26.25 -19.81 14.56
C PHE C 69 -25.46 -20.05 13.27
N TYR C 70 -24.13 -20.08 13.35
CA TYR C 70 -23.30 -20.01 12.16
C TYR C 70 -22.86 -21.41 11.73
N ASP C 71 -23.26 -21.81 10.52
CA ASP C 71 -23.25 -23.21 10.08
C ASP C 71 -21.85 -23.74 9.78
N MET C 72 -20.86 -22.86 9.60
CA MET C 72 -19.49 -23.33 9.40
C MET C 72 -18.94 -23.97 10.68
N PHE C 73 -19.44 -23.57 11.85
CA PHE C 73 -18.92 -24.08 13.12
C PHE C 73 -19.59 -25.40 13.49
N ASP C 74 -18.74 -26.33 13.98
CA ASP C 74 -19.09 -27.71 14.29
C ASP C 74 -18.59 -28.01 15.71
N ARG C 75 -19.50 -28.43 16.59
CA ARG C 75 -19.14 -28.72 17.97
C ARG C 75 -19.15 -30.22 18.25
N GLU C 76 -19.37 -31.04 17.21
CA GLU C 76 -19.56 -32.46 17.41
C GLU C 76 -18.38 -33.28 16.91
N ASP C 77 -17.99 -33.08 15.65
CA ASP C 77 -17.04 -33.97 15.03
C ASP C 77 -15.71 -33.25 14.79
N LYS C 78 -14.64 -33.75 15.41
CA LYS C 78 -13.30 -33.36 15.01
C LYS C 78 -13.03 -33.97 13.63
N ALA C 79 -12.49 -33.16 12.72
CA ALA C 79 -12.01 -33.65 11.45
C ALA C 79 -10.86 -32.77 10.95
N LYS C 80 -9.76 -33.42 10.51
CA LYS C 80 -8.61 -32.69 10.01
C LYS C 80 -9.00 -31.95 8.74
N TYR C 81 -9.72 -32.63 7.85
CA TYR C 81 -10.10 -32.03 6.58
C TYR C 81 -11.62 -32.07 6.40
N ARG C 82 -12.22 -30.90 6.18
N ARG C 82 -12.22 -30.90 6.16
CA ARG C 82 -13.63 -30.82 5.86
CA ARG C 82 -13.63 -30.78 5.84
C ARG C 82 -13.80 -30.67 4.35
C ARG C 82 -13.79 -30.67 4.34
N ILE C 83 -14.40 -31.70 3.74
CA ILE C 83 -14.76 -31.69 2.34
C ILE C 83 -16.17 -31.08 2.22
N ARG C 84 -16.22 -29.78 1.93
CA ARG C 84 -17.49 -29.08 1.77
C ARG C 84 -18.00 -29.30 0.35
N VAL C 85 -19.20 -29.89 0.23
CA VAL C 85 -19.78 -30.23 -1.06
C VAL C 85 -21.05 -29.41 -1.25
N CYS C 86 -21.09 -28.62 -2.34
CA CYS C 86 -22.24 -27.80 -2.65
C CYS C 86 -23.40 -28.67 -3.16
N VAL C 87 -24.59 -28.48 -2.55
CA VAL C 87 -25.77 -29.27 -2.88
C VAL C 87 -26.87 -28.34 -3.38
N SER C 88 -26.53 -27.09 -3.74
CA SER C 88 -27.51 -26.14 -4.25
C SER C 88 -27.75 -26.34 -5.75
N ILE C 89 -28.61 -25.50 -6.29
CA ILE C 89 -29.23 -25.71 -7.60
C ILE C 89 -28.18 -25.97 -8.68
N VAL C 90 -27.17 -25.09 -8.85
CA VAL C 90 -26.32 -25.20 -10.03
C VAL C 90 -25.46 -26.47 -9.94
N CYS C 91 -24.82 -26.71 -8.79
CA CYS C 91 -24.05 -27.92 -8.62
C CYS C 91 -24.94 -29.15 -8.74
N HIS C 92 -26.21 -29.07 -8.30
CA HIS C 92 -27.11 -30.20 -8.44
C HIS C 92 -27.33 -30.53 -9.91
N LEU C 93 -27.65 -29.49 -10.69
CA LEU C 93 -27.85 -29.62 -12.14
C LEU C 93 -26.64 -30.24 -12.84
N MET C 94 -25.42 -29.89 -12.37
CA MET C 94 -24.20 -30.21 -13.10
C MET C 94 -23.47 -31.42 -12.53
N GLY C 95 -23.92 -32.03 -11.43
CA GLY C 95 -23.44 -33.35 -11.04
C GLY C 95 -22.95 -33.47 -9.59
N THR C 96 -23.62 -32.84 -8.62
CA THR C 96 -23.35 -33.06 -7.21
C THR C 96 -23.37 -34.56 -6.88
N ASN C 97 -24.33 -35.30 -7.46
CA ASN C 97 -24.50 -36.70 -7.09
C ASN C 97 -23.29 -37.54 -7.52
N LYS C 98 -22.71 -37.25 -8.70
CA LYS C 98 -21.51 -37.94 -9.16
C LYS C 98 -20.34 -37.68 -8.23
N LEU C 99 -20.24 -36.44 -7.73
CA LEU C 99 -19.23 -36.08 -6.75
C LEU C 99 -19.43 -36.85 -5.44
N LEU C 100 -20.67 -36.91 -4.93
CA LEU C 100 -20.91 -37.64 -3.69
C LEU C 100 -20.59 -39.12 -3.89
N LYS C 101 -20.93 -39.65 -5.07
CA LYS C 101 -20.71 -41.06 -5.37
C LYS C 101 -19.21 -41.33 -5.39
N ALA C 102 -18.44 -40.46 -6.06
CA ALA C 102 -16.99 -40.57 -6.12
C ALA C 102 -16.37 -40.52 -4.72
N LEU C 103 -16.87 -39.61 -3.88
CA LEU C 103 -16.35 -39.47 -2.52
C LEU C 103 -16.61 -40.75 -1.74
N GLU C 104 -17.81 -41.32 -1.89
CA GLU C 104 -18.14 -42.56 -1.20
C GLU C 104 -17.23 -43.70 -1.67
N ASN C 105 -16.99 -43.79 -2.99
CA ASN C 105 -16.10 -44.79 -3.55
C ASN C 105 -14.69 -44.69 -2.97
N ILE C 106 -14.15 -43.48 -2.85
CA ILE C 106 -12.78 -43.32 -2.41
C ILE C 106 -12.68 -43.49 -0.88
N LEU C 107 -13.58 -42.85 -0.13
CA LEU C 107 -13.40 -42.66 1.30
C LEU C 107 -14.33 -43.53 2.14
N GLY C 108 -15.42 -44.04 1.54
CA GLY C 108 -16.35 -44.93 2.23
C GLY C 108 -17.34 -44.19 3.13
N ILE C 109 -17.53 -42.87 2.95
CA ILE C 109 -18.44 -42.11 3.79
C ILE C 109 -19.39 -41.29 2.94
N LYS C 110 -20.49 -40.91 3.59
CA LYS C 110 -21.58 -40.15 2.99
C LYS C 110 -21.60 -38.80 3.67
N PRO C 111 -22.38 -37.81 3.18
CA PRO C 111 -22.51 -36.52 3.86
C PRO C 111 -22.77 -36.67 5.36
N GLY C 112 -22.10 -35.83 6.17
CA GLY C 112 -22.29 -35.78 7.61
C GLY C 112 -21.42 -36.78 8.37
N GLU C 113 -20.77 -37.71 7.66
CA GLU C 113 -19.96 -38.75 8.27
C GLU C 113 -18.48 -38.36 8.26
N VAL C 114 -17.71 -39.05 9.10
CA VAL C 114 -16.27 -38.84 9.25
C VAL C 114 -15.58 -40.18 9.06
N THR C 115 -14.46 -40.18 8.33
CA THR C 115 -13.69 -41.40 8.12
C THR C 115 -13.19 -41.91 9.47
N PRO C 116 -12.94 -43.23 9.66
CA PRO C 116 -12.61 -43.78 10.98
C PRO C 116 -11.31 -43.22 11.56
N ASP C 117 -10.44 -42.69 10.68
CA ASP C 117 -9.14 -42.14 11.04
C ASP C 117 -9.27 -40.70 11.57
N GLY C 118 -10.45 -40.08 11.41
CA GLY C 118 -10.64 -38.71 11.85
C GLY C 118 -10.19 -37.69 10.80
N LYS C 119 -9.80 -38.17 9.60
CA LYS C 119 -9.10 -37.36 8.63
C LYS C 119 -10.07 -36.50 7.83
N PHE C 120 -11.12 -37.13 7.30
CA PHE C 120 -12.07 -36.42 6.45
C PHE C 120 -13.48 -36.48 7.02
N LYS C 121 -14.16 -35.32 6.99
CA LYS C 121 -15.61 -35.25 7.13
C LYS C 121 -16.23 -34.61 5.88
N ILE C 122 -17.31 -35.21 5.35
CA ILE C 122 -18.07 -34.60 4.28
C ILE C 122 -19.16 -33.73 4.89
N VAL C 123 -19.23 -32.48 4.44
CA VAL C 123 -20.13 -31.46 4.93
C VAL C 123 -20.91 -30.90 3.75
N PRO C 124 -22.23 -31.19 3.64
CA PRO C 124 -23.05 -30.58 2.58
C PRO C 124 -23.29 -29.11 2.87
N VAL C 125 -23.08 -28.24 1.87
CA VAL C 125 -23.20 -26.80 2.08
C VAL C 125 -24.05 -26.22 0.95
N GLN C 126 -24.52 -24.99 1.16
CA GLN C 126 -25.22 -24.24 0.12
C GLN C 126 -24.21 -23.56 -0.81
N CYS C 127 -24.72 -22.95 -1.88
CA CYS C 127 -23.94 -22.35 -2.96
C CYS C 127 -22.67 -21.67 -2.44
N LEU C 128 -21.52 -22.08 -2.99
CA LEU C 128 -20.20 -21.59 -2.59
C LEU C 128 -19.73 -20.44 -3.48
N GLY C 129 -20.60 -19.96 -4.37
CA GLY C 129 -20.27 -18.85 -5.27
C GLY C 129 -19.15 -19.18 -6.27
N ALA C 130 -19.23 -20.38 -6.88
CA ALA C 130 -18.33 -20.76 -7.96
C ALA C 130 -19.08 -21.63 -8.96
N CYS C 131 -20.31 -21.21 -9.27
CA CYS C 131 -21.31 -22.04 -9.94
C CYS C 131 -20.91 -22.36 -11.38
N SER C 132 -20.14 -21.47 -12.03
CA SER C 132 -19.58 -21.74 -13.35
C SER C 132 -18.65 -22.95 -13.35
N GLU C 133 -18.12 -23.33 -12.18
CA GLU C 133 -17.22 -24.46 -12.03
C GLU C 133 -17.90 -25.62 -11.31
N ALA C 134 -19.23 -25.65 -11.37
CA ALA C 134 -20.01 -26.76 -10.83
C ALA C 134 -19.61 -28.10 -11.45
N PRO C 135 -19.65 -29.23 -10.69
CA PRO C 135 -19.97 -29.21 -9.27
C PRO C 135 -18.77 -28.86 -8.42
N VAL C 136 -18.98 -28.02 -7.39
CA VAL C 136 -17.92 -27.39 -6.61
C VAL C 136 -17.78 -28.08 -5.25
N PHE C 137 -16.52 -28.18 -4.77
CA PHE C 137 -16.25 -28.67 -3.43
C PHE C 137 -15.05 -27.92 -2.85
N MET C 138 -14.98 -27.89 -1.51
CA MET C 138 -13.81 -27.35 -0.84
C MET C 138 -13.17 -28.44 0.02
N VAL C 139 -11.85 -28.38 0.19
CA VAL C 139 -11.15 -29.20 1.16
C VAL C 139 -10.47 -28.23 2.11
N ASN C 140 -11.08 -28.05 3.31
CA ASN C 140 -10.76 -26.91 4.17
C ASN C 140 -10.89 -25.66 3.33
N ASP C 141 -9.81 -24.88 3.20
CA ASP C 141 -9.87 -23.56 2.56
C ASP C 141 -9.72 -23.64 1.04
N ASP C 142 -9.25 -24.78 0.51
CA ASP C 142 -9.05 -24.91 -0.93
C ASP C 142 -10.36 -25.29 -1.62
N GLU C 143 -10.55 -24.79 -2.86
CA GLU C 143 -11.79 -24.94 -3.60
C GLU C 143 -11.52 -25.47 -5.00
N TYR C 144 -12.34 -26.41 -5.45
CA TYR C 144 -12.11 -27.08 -6.72
C TYR C 144 -13.41 -27.40 -7.45
N LYS C 145 -13.29 -27.54 -8.77
CA LYS C 145 -14.29 -28.19 -9.58
C LYS C 145 -14.05 -29.70 -9.56
N PHE C 146 -15.14 -30.48 -9.42
CA PHE C 146 -15.08 -31.92 -9.61
C PHE C 146 -15.18 -32.25 -11.09
N GLU C 147 -14.21 -33.04 -11.58
CA GLU C 147 -14.19 -33.50 -12.96
C GLU C 147 -14.58 -34.99 -13.05
N SER C 148 -14.02 -35.83 -12.18
CA SER C 148 -14.14 -37.27 -12.27
C SER C 148 -13.58 -37.90 -11.02
N GLU C 149 -13.86 -39.19 -10.81
CA GLU C 149 -13.34 -39.90 -9.66
C GLU C 149 -11.81 -39.91 -9.64
N VAL C 150 -11.17 -40.15 -10.80
CA VAL C 150 -9.72 -40.25 -10.85
C VAL C 150 -9.10 -38.90 -10.46
N GLN C 151 -9.74 -37.83 -10.92
CA GLN C 151 -9.26 -36.48 -10.71
C GLN C 151 -9.42 -36.12 -9.24
N LEU C 152 -10.58 -36.46 -8.66
CA LEU C 152 -10.87 -36.22 -7.25
C LEU C 152 -9.87 -36.97 -6.38
N ASN C 153 -9.61 -38.23 -6.70
CA ASN C 153 -8.71 -39.07 -5.93
C ASN C 153 -7.33 -38.40 -5.80
N GLU C 154 -6.86 -37.80 -6.91
CA GLU C 154 -5.55 -37.19 -6.95
C GLU C 154 -5.50 -35.94 -6.06
N ILE C 155 -6.53 -35.10 -6.14
CA ILE C 155 -6.70 -33.95 -5.26
C ILE C 155 -6.60 -34.38 -3.81
N LEU C 156 -7.35 -35.41 -3.42
CA LEU C 156 -7.45 -35.83 -2.03
C LEU C 156 -6.11 -36.38 -1.57
N SER C 157 -5.34 -36.96 -2.50
CA SER C 157 -4.04 -37.54 -2.21
C SER C 157 -3.07 -36.49 -1.66
N ARG C 158 -3.33 -35.21 -1.96
CA ARG C 158 -2.50 -34.10 -1.53
C ARG C 158 -2.72 -33.75 -0.07
N TYR C 159 -3.77 -34.30 0.57
CA TYR C 159 -4.06 -33.98 1.96
C TYR C 159 -3.69 -35.17 2.82
N THR C 160 -2.65 -35.01 3.65
CA THR C 160 -1.98 -36.13 4.27
C THR C 160 -2.15 -36.07 5.77
N ARG D 2 2.48 -14.88 0.47
CA ARG D 2 2.24 -14.95 -0.99
C ARG D 2 1.33 -16.13 -1.34
N SER D 3 1.33 -17.19 -0.52
CA SER D 3 0.56 -18.38 -0.85
C SER D 3 -0.90 -18.25 -0.38
N TYR D 4 -1.86 -18.44 -1.29
CA TYR D 4 -3.28 -18.35 -0.95
C TYR D 4 -3.96 -19.71 -1.20
N PRO D 5 -5.11 -19.99 -0.54
CA PRO D 5 -5.89 -21.19 -0.83
C PRO D 5 -6.22 -21.33 -2.32
N ALA D 6 -6.39 -22.57 -2.77
CA ALA D 6 -6.73 -22.82 -4.16
C ALA D 6 -8.12 -22.24 -4.47
N ILE D 7 -8.22 -21.63 -5.66
CA ILE D 7 -9.44 -21.03 -6.18
C ILE D 7 -9.63 -21.57 -7.60
N PRO D 8 -10.87 -21.94 -8.00
CA PRO D 8 -11.12 -22.30 -9.39
C PRO D 8 -10.91 -21.06 -10.26
N ARG D 9 -10.48 -21.28 -11.51
CA ARG D 9 -10.27 -20.19 -12.45
C ARG D 9 -11.54 -19.97 -13.26
N ILE D 10 -12.45 -19.18 -12.72
CA ILE D 10 -13.69 -18.81 -13.38
C ILE D 10 -13.35 -17.99 -14.62
N TYR D 11 -14.00 -18.36 -15.74
CA TYR D 11 -13.84 -17.63 -16.99
C TYR D 11 -14.46 -16.25 -16.83
N ALA D 12 -13.74 -15.24 -17.36
CA ALA D 12 -14.20 -13.85 -17.34
C ALA D 12 -13.93 -13.20 -18.69
N GLU D 13 -14.90 -12.38 -19.15
CA GLU D 13 -14.82 -11.78 -20.48
C GLU D 13 -15.54 -10.44 -20.44
N THR D 14 -15.05 -9.46 -21.21
CA THR D 14 -15.53 -8.09 -21.10
C THR D 14 -15.57 -7.45 -22.49
N THR D 15 -16.65 -6.69 -22.76
CA THR D 15 -16.68 -5.82 -23.93
C THR D 15 -16.32 -4.39 -23.55
N LEU D 16 -16.12 -4.10 -22.26
CA LEU D 16 -15.97 -2.72 -21.78
C LEU D 16 -14.57 -2.45 -21.20
N ASN D 17 -13.92 -3.48 -20.67
CA ASN D 17 -12.56 -3.40 -20.17
C ASN D 17 -12.46 -2.39 -19.02
N MET D 18 -13.40 -2.49 -18.07
CA MET D 18 -13.45 -1.60 -16.92
C MET D 18 -13.22 -2.42 -15.64
N LEU D 19 -14.29 -3.01 -15.12
CA LEU D 19 -14.23 -3.80 -13.90
C LEU D 19 -13.34 -5.02 -14.10
N LEU D 20 -13.27 -5.51 -15.36
CA LEU D 20 -12.51 -6.73 -15.67
C LEU D 20 -11.25 -6.43 -16.48
N LYS D 21 -10.76 -5.19 -16.43
CA LYS D 21 -9.54 -4.83 -17.15
C LYS D 21 -8.40 -5.78 -16.74
N ARG D 22 -8.24 -6.01 -15.44
CA ARG D 22 -7.23 -6.91 -14.92
C ARG D 22 -7.86 -8.22 -14.47
N ALA D 23 -9.08 -8.15 -13.94
CA ALA D 23 -9.70 -9.32 -13.35
C ALA D 23 -10.15 -10.33 -14.42
N LYS D 24 -10.05 -10.00 -15.70
CA LYS D 24 -10.25 -11.02 -16.73
C LYS D 24 -9.12 -12.06 -16.71
N LYS D 25 -7.97 -11.74 -16.11
CA LYS D 25 -6.91 -12.71 -15.94
C LYS D 25 -7.03 -13.29 -14.53
N PRO D 26 -7.10 -14.64 -14.41
CA PRO D 26 -7.42 -15.32 -13.14
C PRO D 26 -6.25 -15.46 -12.18
N ARG D 27 -5.84 -14.31 -11.63
CA ARG D 27 -4.71 -14.23 -10.71
C ARG D 27 -4.77 -12.92 -9.93
N VAL D 28 -4.01 -12.88 -8.83
CA VAL D 28 -3.95 -11.71 -7.97
C VAL D 28 -3.11 -10.64 -8.65
N HIS D 29 -3.72 -9.46 -8.86
CA HIS D 29 -3.03 -8.27 -9.33
C HIS D 29 -2.72 -7.38 -8.13
N SER D 30 -1.44 -7.34 -7.77
CA SER D 30 -0.94 -6.61 -6.63
C SER D 30 -0.74 -5.12 -6.96
N ILE D 31 -0.35 -4.33 -5.96
CA ILE D 31 -0.53 -2.88 -6.03
C ILE D 31 0.30 -2.28 -7.18
N ASP D 32 1.46 -2.85 -7.48
CA ASP D 32 2.33 -2.27 -8.50
C ASP D 32 1.67 -2.35 -9.88
N GLU D 33 1.10 -3.52 -10.20
CA GLU D 33 0.36 -3.71 -11.43
C GLU D 33 -0.84 -2.77 -11.48
N TYR D 34 -1.49 -2.59 -10.32
CA TYR D 34 -2.60 -1.66 -10.24
C TYR D 34 -2.13 -0.24 -10.51
N LEU D 35 -0.98 0.14 -9.94
CA LEU D 35 -0.47 1.49 -10.07
C LEU D 35 -0.10 1.80 -11.53
N LYS D 36 0.38 0.78 -12.26
CA LYS D 36 0.80 0.95 -13.65
C LYS D 36 -0.35 1.42 -14.55
N ASP D 37 -1.56 0.94 -14.27
CA ASP D 37 -2.76 1.23 -15.04
C ASP D 37 -3.43 2.52 -14.54
N GLY D 38 -2.76 3.33 -13.72
CA GLY D 38 -3.34 4.56 -13.20
C GLY D 38 -4.07 4.36 -11.87
N GLY D 39 -3.91 3.21 -11.24
CA GLY D 39 -4.56 2.94 -9.96
C GLY D 39 -4.28 4.03 -8.91
N TYR D 40 -5.31 4.33 -8.10
CA TYR D 40 -5.26 5.28 -6.99
C TYR D 40 -5.13 6.74 -7.44
N GLN D 41 -5.07 7.01 -8.76
CA GLN D 41 -5.09 8.38 -9.26
C GLN D 41 -6.47 9.02 -9.13
N ALA D 42 -7.52 8.21 -9.26
CA ALA D 42 -8.88 8.67 -9.03
C ALA D 42 -9.04 9.10 -7.57
N LEU D 43 -8.52 8.29 -6.63
CA LEU D 43 -8.50 8.68 -5.23
C LEU D 43 -7.82 10.03 -5.06
N GLU D 44 -6.64 10.22 -5.67
CA GLU D 44 -5.91 11.48 -5.54
C GLU D 44 -6.76 12.64 -6.04
N LYS D 45 -7.45 12.43 -7.18
CA LYS D 45 -8.38 13.41 -7.74
C LYS D 45 -9.54 13.66 -6.78
N ALA D 46 -10.07 12.61 -6.16
CA ALA D 46 -11.25 12.71 -5.30
C ALA D 46 -10.93 13.52 -4.05
N LEU D 47 -9.71 13.34 -3.52
CA LEU D 47 -9.30 14.04 -2.32
C LEU D 47 -9.13 15.54 -2.57
N ASN D 48 -9.03 15.96 -3.84
CA ASN D 48 -8.96 17.38 -4.15
C ASN D 48 -10.34 17.92 -4.54
N MET D 49 -11.38 17.12 -4.26
CA MET D 49 -12.76 17.55 -4.42
C MET D 49 -13.42 17.54 -3.04
N SER D 50 -14.51 18.29 -2.90
CA SER D 50 -15.32 18.25 -1.69
C SER D 50 -16.09 16.93 -1.64
N PRO D 51 -16.34 16.37 -0.45
CA PRO D 51 -17.25 15.22 -0.33
C PRO D 51 -18.55 15.37 -1.10
N GLU D 52 -19.17 16.57 -1.01
CA GLU D 52 -20.45 16.82 -1.66
C GLU D 52 -20.36 16.69 -3.18
N GLU D 53 -19.27 17.19 -3.77
CA GLU D 53 -19.09 17.10 -5.20
C GLU D 53 -19.04 15.64 -5.63
N ILE D 54 -18.34 14.80 -4.84
CA ILE D 54 -18.24 13.39 -5.14
C ILE D 54 -19.63 12.74 -5.13
N ILE D 55 -20.43 13.07 -4.12
CA ILE D 55 -21.80 12.56 -4.05
C ILE D 55 -22.56 12.98 -5.30
N ASP D 56 -22.42 14.25 -5.67
CA ASP D 56 -23.11 14.78 -6.85
C ASP D 56 -22.77 13.94 -8.07
N TRP D 57 -21.48 13.64 -8.24
CA TRP D 57 -21.02 12.89 -9.39
C TRP D 57 -21.62 11.48 -9.37
N VAL D 58 -21.55 10.82 -8.23
CA VAL D 58 -22.02 9.45 -8.14
C VAL D 58 -23.53 9.41 -8.39
N ASP D 59 -24.24 10.44 -7.90
CA ASP D 59 -25.66 10.60 -8.20
C ASP D 59 -25.89 10.69 -9.71
N LYS D 60 -25.25 11.67 -10.35
CA LYS D 60 -25.50 11.94 -11.76
C LYS D 60 -25.07 10.79 -12.67
N SER D 61 -24.20 9.91 -12.18
CA SER D 61 -23.73 8.77 -12.95
C SER D 61 -24.84 7.78 -13.30
N THR D 62 -25.93 7.78 -12.51
CA THR D 62 -27.07 6.87 -12.57
C THR D 62 -26.71 5.54 -11.93
N LEU D 63 -25.54 5.44 -11.27
CA LEU D 63 -25.09 4.21 -10.63
C LEU D 63 -26.19 3.69 -9.71
N ARG D 64 -26.53 2.40 -9.86
CA ARG D 64 -27.53 1.76 -9.02
C ARG D 64 -26.92 0.55 -8.33
N GLY D 65 -27.47 0.23 -7.16
CA GLY D 65 -26.94 -0.84 -6.32
C GLY D 65 -26.79 -2.14 -7.10
N ARG D 66 -25.56 -2.67 -7.13
CA ARG D 66 -25.25 -3.85 -7.91
C ARG D 66 -25.43 -5.10 -7.07
N GLY D 67 -25.86 -4.92 -5.82
CA GLY D 67 -26.11 -6.02 -4.91
C GLY D 67 -27.38 -6.79 -5.29
N GLY D 68 -28.29 -6.15 -6.04
CA GLY D 68 -29.47 -6.83 -6.55
C GLY D 68 -30.74 -5.97 -6.55
N ALA D 69 -30.83 -5.00 -5.63
CA ALA D 69 -32.05 -4.21 -5.50
C ALA D 69 -32.06 -2.99 -6.41
N GLY D 70 -30.88 -2.58 -6.91
CA GLY D 70 -30.79 -1.46 -7.84
C GLY D 70 -31.10 -0.09 -7.23
N PHE D 71 -30.86 0.11 -5.92
CA PHE D 71 -31.15 1.41 -5.31
C PHE D 71 -30.10 2.45 -5.73
N PRO D 72 -30.49 3.70 -6.09
CA PRO D 72 -29.54 4.72 -6.56
C PRO D 72 -28.47 5.08 -5.53
N THR D 73 -27.20 4.87 -5.90
CA THR D 73 -26.10 4.91 -4.94
C THR D 73 -25.87 6.32 -4.40
N GLY D 74 -25.79 7.31 -5.29
CA GLY D 74 -25.67 8.71 -4.86
C GLY D 74 -26.74 9.09 -3.82
N LYS D 75 -27.99 8.69 -4.09
CA LYS D 75 -29.11 9.06 -3.23
C LYS D 75 -28.95 8.39 -1.88
N LYS D 76 -28.49 7.14 -1.86
CA LYS D 76 -28.22 6.47 -0.60
C LYS D 76 -27.23 7.32 0.22
N TRP D 77 -26.15 7.75 -0.44
CA TRP D 77 -25.10 8.51 0.23
C TRP D 77 -25.64 9.83 0.79
N LYS D 78 -26.48 10.52 0.02
CA LYS D 78 -27.05 11.80 0.43
C LYS D 78 -27.92 11.61 1.68
N PHE D 79 -28.70 10.53 1.75
CA PHE D 79 -29.52 10.26 2.91
C PHE D 79 -28.66 10.11 4.16
N ALA D 80 -27.52 9.43 4.03
CA ALA D 80 -26.59 9.21 5.14
C ALA D 80 -26.04 10.52 5.71
N VAL D 81 -25.60 11.42 4.80
CA VAL D 81 -24.81 12.58 5.17
C VAL D 81 -25.70 13.67 5.74
N GLN D 82 -27.02 13.55 5.57
CA GLN D 82 -27.94 14.50 6.19
C GLN D 82 -28.06 14.18 7.68
N ASN D 83 -27.51 13.05 8.13
CA ASN D 83 -27.57 12.67 9.54
C ASN D 83 -26.22 12.92 10.22
N PRO D 84 -26.21 13.42 11.48
CA PRO D 84 -24.97 13.68 12.20
C PRO D 84 -24.04 12.48 12.29
N GLY D 85 -22.73 12.79 12.24
CA GLY D 85 -21.69 11.77 12.34
C GLY D 85 -21.51 11.32 13.79
N PRO D 86 -20.60 10.38 14.07
CA PRO D 86 -19.77 9.75 13.04
C PRO D 86 -20.57 8.78 12.19
N ARG D 87 -20.01 8.48 11.01
CA ARG D 87 -20.68 7.62 10.04
C ARG D 87 -19.74 6.48 9.68
N TYR D 88 -20.32 5.37 9.17
CA TYR D 88 -19.54 4.19 8.82
C TYR D 88 -19.85 3.75 7.39
N PHE D 89 -18.85 3.17 6.72
CA PHE D 89 -19.03 2.69 5.37
C PHE D 89 -18.77 1.19 5.38
N ILE D 90 -19.69 0.43 4.79
CA ILE D 90 -19.58 -1.03 4.76
C ILE D 90 -19.61 -1.52 3.31
N CYS D 91 -18.58 -2.31 2.97
CA CYS D 91 -18.55 -3.09 1.73
C CYS D 91 -19.12 -4.49 2.00
N ASN D 92 -20.24 -4.79 1.34
CA ASN D 92 -20.89 -6.09 1.47
C ASN D 92 -20.29 -7.07 0.49
N ALA D 93 -19.47 -7.99 1.02
CA ALA D 93 -18.86 -9.04 0.22
C ALA D 93 -19.36 -10.41 0.68
N ASP D 94 -20.64 -10.48 1.05
CA ASP D 94 -21.21 -11.73 1.55
C ASP D 94 -21.62 -12.69 0.42
N GLU D 95 -21.71 -12.18 -0.83
CA GLU D 95 -22.15 -12.91 -2.02
C GLU D 95 -22.44 -14.38 -1.76
N SER D 96 -23.72 -14.72 -1.54
CA SER D 96 -24.12 -16.08 -1.22
C SER D 96 -25.38 -16.50 -1.97
N GLU D 97 -25.89 -15.65 -2.85
CA GLU D 97 -27.02 -15.97 -3.71
C GLU D 97 -26.61 -17.09 -4.67
N PRO D 98 -27.43 -18.14 -4.82
CA PRO D 98 -27.16 -19.20 -5.79
C PRO D 98 -26.94 -18.62 -7.18
N GLY D 99 -25.90 -19.14 -7.85
CA GLY D 99 -25.55 -18.73 -9.19
C GLY D 99 -24.65 -17.50 -9.22
N THR D 100 -24.42 -16.86 -8.05
CA THR D 100 -23.81 -15.54 -8.03
C THR D 100 -22.35 -15.62 -7.59
N PHE D 101 -21.44 -15.23 -8.51
CA PHE D 101 -20.00 -15.27 -8.27
C PHE D 101 -19.29 -14.12 -8.98
N LYS D 102 -19.98 -12.99 -9.11
CA LYS D 102 -19.46 -11.83 -9.80
C LYS D 102 -18.52 -11.04 -8.89
N ASP D 103 -18.85 -10.95 -7.58
CA ASP D 103 -18.09 -10.07 -6.69
C ASP D 103 -16.70 -10.66 -6.44
N ARG D 104 -16.65 -12.00 -6.34
CA ARG D 104 -15.43 -12.67 -5.90
C ARG D 104 -14.29 -12.42 -6.89
N ILE D 105 -14.60 -12.30 -8.18
CA ILE D 105 -13.52 -12.20 -9.16
C ILE D 105 -12.81 -10.85 -8.98
N ILE D 106 -13.54 -9.82 -8.57
CA ILE D 106 -12.91 -8.53 -8.28
C ILE D 106 -12.06 -8.63 -7.02
N ILE D 107 -12.65 -9.22 -5.96
CA ILE D 107 -11.97 -9.36 -4.68
C ILE D 107 -10.64 -10.08 -4.88
N GLU D 108 -10.68 -11.21 -5.58
CA GLU D 108 -9.57 -12.16 -5.58
C GLU D 108 -8.54 -11.80 -6.65
N ARG D 109 -8.92 -10.98 -7.65
CA ARG D 109 -8.03 -10.68 -8.77
C ARG D 109 -7.61 -9.22 -8.81
N ASP D 110 -8.49 -8.29 -8.44
CA ASP D 110 -8.20 -6.87 -8.56
C ASP D 110 -8.63 -6.15 -7.28
N PRO D 111 -8.14 -6.60 -6.11
CA PRO D 111 -8.65 -6.09 -4.83
C PRO D 111 -8.47 -4.58 -4.67
N HIS D 112 -7.45 -4.00 -5.35
CA HIS D 112 -7.20 -2.57 -5.25
C HIS D 112 -8.30 -1.75 -5.93
N LEU D 113 -8.97 -2.33 -6.93
CA LEU D 113 -10.12 -1.66 -7.53
C LEU D 113 -11.20 -1.42 -6.47
N LEU D 114 -11.45 -2.44 -5.66
CA LEU D 114 -12.45 -2.34 -4.61
C LEU D 114 -11.96 -1.37 -3.53
N ILE D 115 -10.72 -1.56 -3.05
CA ILE D 115 -10.16 -0.74 -2.00
C ILE D 115 -10.19 0.74 -2.39
N GLU D 116 -9.81 1.07 -3.64
CA GLU D 116 -9.83 2.45 -4.09
C GLU D 116 -11.24 3.02 -3.96
N GLY D 117 -12.24 2.22 -4.38
CA GLY D 117 -13.63 2.64 -4.28
C GLY D 117 -14.09 2.85 -2.84
N ILE D 118 -13.66 1.97 -1.93
CA ILE D 118 -14.02 2.10 -0.53
C ILE D 118 -13.46 3.43 -0.02
N ILE D 119 -12.22 3.77 -0.39
CA ILE D 119 -11.59 4.95 0.19
C ILE D 119 -12.32 6.20 -0.31
N ILE D 120 -12.59 6.27 -1.62
CA ILE D 120 -13.33 7.39 -2.18
C ILE D 120 -14.74 7.51 -1.56
N SER D 121 -15.43 6.36 -1.40
CA SER D 121 -16.78 6.35 -0.84
C SER D 121 -16.78 6.81 0.62
N SER D 122 -15.83 6.29 1.41
CA SER D 122 -15.72 6.65 2.83
C SER D 122 -15.48 8.15 2.95
N TYR D 123 -14.64 8.69 2.07
CA TYR D 123 -14.35 10.11 2.10
C TYR D 123 -15.60 10.91 1.79
N ALA D 124 -16.36 10.45 0.80
CA ALA D 124 -17.53 11.15 0.30
C ALA D 124 -18.59 11.31 1.40
N ILE D 125 -18.71 10.33 2.29
CA ILE D 125 -19.74 10.37 3.32
C ILE D 125 -19.15 10.66 4.70
N GLY D 126 -17.85 10.97 4.78
CA GLY D 126 -17.26 11.38 6.05
C GLY D 126 -17.04 10.23 7.03
N ALA D 127 -16.83 9.02 6.51
CA ALA D 127 -16.55 7.87 7.35
C ALA D 127 -15.04 7.70 7.52
N ASN D 128 -14.58 7.56 8.77
CA ASN D 128 -13.18 7.31 9.06
C ASN D 128 -12.94 5.84 9.39
N GLU D 129 -14.01 5.03 9.32
CA GLU D 129 -13.88 3.62 9.61
C GLU D 129 -14.79 2.87 8.63
N ALA D 130 -14.19 1.95 7.88
CA ALA D 130 -14.88 1.19 6.87
C ALA D 130 -14.66 -0.30 7.12
N TYR D 131 -15.60 -1.12 6.64
CA TYR D 131 -15.55 -2.56 6.84
C TYR D 131 -15.78 -3.25 5.51
N ILE D 132 -15.06 -4.36 5.29
CA ILE D 132 -15.44 -5.37 4.32
C ILE D 132 -15.94 -6.56 5.12
N TYR D 133 -17.19 -6.98 4.87
CA TYR D 133 -17.68 -8.22 5.46
C TYR D 133 -17.71 -9.23 4.33
N ILE D 134 -16.82 -10.24 4.43
CA ILE D 134 -16.71 -11.25 3.39
C ILE D 134 -17.15 -12.60 3.95
N ARG D 135 -17.96 -13.33 3.16
CA ARG D 135 -18.49 -14.61 3.60
C ARG D 135 -17.30 -15.49 3.97
N GLY D 136 -17.54 -16.34 4.97
CA GLY D 136 -16.53 -17.25 5.48
C GLY D 136 -16.06 -18.30 4.46
N GLU D 137 -16.89 -18.58 3.44
CA GLU D 137 -16.57 -19.58 2.43
C GLU D 137 -15.69 -18.95 1.33
N TYR D 138 -15.25 -17.69 1.53
CA TYR D 138 -14.29 -17.05 0.65
C TYR D 138 -12.97 -16.80 1.42
N PRO D 139 -12.28 -17.85 1.90
CA PRO D 139 -11.06 -17.64 2.68
C PRO D 139 -9.93 -16.98 1.88
N ALA D 140 -9.84 -17.31 0.60
CA ALA D 140 -8.79 -16.76 -0.25
C ALA D 140 -9.02 -15.26 -0.44
N GLY D 141 -10.27 -14.87 -0.72
CA GLY D 141 -10.65 -13.47 -0.81
C GLY D 141 -10.25 -12.68 0.43
N TYR D 142 -10.45 -13.28 1.61
CA TYR D 142 -10.11 -12.64 2.87
C TYR D 142 -8.61 -12.35 2.95
N TYR D 143 -7.77 -13.38 2.69
CA TYR D 143 -6.32 -13.22 2.80
C TYR D 143 -5.82 -12.20 1.77
N ILE D 144 -6.34 -12.29 0.54
CA ILE D 144 -5.97 -11.38 -0.53
C ILE D 144 -6.27 -9.94 -0.12
N LEU D 145 -7.45 -9.71 0.50
CA LEU D 145 -7.86 -8.37 0.91
C LEU D 145 -6.96 -7.85 2.03
N ARG D 146 -6.70 -8.69 3.05
CA ARG D 146 -5.82 -8.30 4.15
C ARG D 146 -4.44 -7.87 3.61
N ASP D 147 -3.88 -8.65 2.67
CA ASP D 147 -2.60 -8.31 2.07
C ASP D 147 -2.70 -7.02 1.24
N ALA D 148 -3.73 -6.92 0.42
CA ALA D 148 -3.97 -5.73 -0.38
C ALA D 148 -4.10 -4.49 0.51
N ILE D 149 -4.76 -4.62 1.66
CA ILE D 149 -4.97 -3.48 2.52
C ILE D 149 -3.63 -3.02 3.08
N GLU D 150 -2.75 -3.95 3.45
CA GLU D 150 -1.43 -3.59 3.92
C GLU D 150 -0.62 -2.89 2.83
N GLU D 151 -0.74 -3.35 1.57
CA GLU D 151 -0.02 -2.73 0.45
C GLU D 151 -0.40 -1.26 0.35
N ALA D 152 -1.72 -0.99 0.43
CA ALA D 152 -2.24 0.37 0.36
C ALA D 152 -1.73 1.24 1.50
N LYS D 153 -1.63 0.66 2.71
CA LYS D 153 -1.12 1.39 3.86
C LYS D 153 0.32 1.81 3.59
N LYS D 154 1.13 0.86 3.12
CA LYS D 154 2.54 1.08 2.83
C LYS D 154 2.74 2.19 1.80
N LYS D 155 1.80 2.31 0.85
CA LYS D 155 1.87 3.33 -0.19
C LYS D 155 1.15 4.61 0.22
N GLY D 156 0.59 4.66 1.43
CA GLY D 156 0.06 5.89 1.99
C GLY D 156 -1.39 6.19 1.58
N PHE D 157 -2.12 5.16 1.13
CA PHE D 157 -3.49 5.34 0.66
C PHE D 157 -4.50 5.11 1.80
N LEU D 158 -4.03 4.51 2.90
CA LEU D 158 -4.81 4.32 4.12
C LEU D 158 -3.99 4.81 5.30
N GLY D 159 -4.67 5.00 6.43
CA GLY D 159 -4.07 5.51 7.65
C GLY D 159 -4.56 6.93 7.96
N LYS D 160 -3.78 7.66 8.75
CA LYS D 160 -4.12 9.03 9.08
C LYS D 160 -3.63 9.96 7.97
N ASN D 161 -4.41 11.03 7.71
CA ASN D 161 -3.92 12.16 6.94
C ASN D 161 -3.42 11.69 5.57
N ILE D 162 -4.32 11.01 4.85
CA ILE D 162 -4.02 10.33 3.60
C ILE D 162 -3.60 11.37 2.55
N LEU D 163 -2.35 11.27 2.09
CA LEU D 163 -1.82 12.16 1.06
C LEU D 163 -2.01 13.64 1.42
N GLY D 164 -1.81 13.96 2.71
CA GLY D 164 -1.83 15.34 3.19
C GLY D 164 -3.22 15.95 3.22
N SER D 165 -4.25 15.12 3.01
CA SER D 165 -5.62 15.57 2.83
C SER D 165 -6.27 15.91 4.17
N GLY D 166 -5.76 15.33 5.26
CA GLY D 166 -6.41 15.44 6.56
C GLY D 166 -7.49 14.36 6.76
N PHE D 167 -7.73 13.52 5.74
CA PHE D 167 -8.71 12.47 5.85
C PHE D 167 -8.06 11.18 6.37
N ASP D 168 -8.64 10.64 7.45
CA ASP D 168 -8.18 9.41 8.09
C ASP D 168 -9.09 8.24 7.74
N LEU D 169 -8.52 7.06 7.49
CA LEU D 169 -9.35 5.88 7.23
C LEU D 169 -8.60 4.59 7.59
N GLU D 170 -9.27 3.71 8.34
CA GLU D 170 -8.93 2.30 8.46
C GLU D 170 -10.07 1.46 7.85
N ILE D 171 -9.67 0.39 7.14
CA ILE D 171 -10.56 -0.60 6.58
C ILE D 171 -10.34 -1.91 7.33
N TYR D 172 -11.40 -2.40 8.00
CA TYR D 172 -11.35 -3.65 8.76
C TYR D 172 -12.03 -4.73 7.93
N VAL D 173 -11.48 -5.96 7.95
CA VAL D 173 -12.01 -7.09 7.19
C VAL D 173 -12.62 -8.08 8.19
N ALA D 174 -13.93 -8.23 8.13
CA ALA D 174 -14.65 -9.21 8.93
C ALA D 174 -14.98 -10.43 8.05
N ARG D 175 -15.11 -11.60 8.68
CA ARG D 175 -15.49 -12.80 7.98
C ARG D 175 -16.83 -13.31 8.49
N GLY D 176 -17.68 -13.76 7.55
CA GLY D 176 -18.89 -14.49 7.85
C GLY D 176 -18.57 -15.89 8.35
N ALA D 177 -19.61 -16.66 8.70
CA ALA D 177 -19.40 -18.01 9.18
C ALA D 177 -20.51 -18.96 8.74
N GLY D 178 -21.17 -18.68 7.61
CA GLY D 178 -22.01 -19.66 6.93
C GLY D 178 -23.47 -19.25 6.71
N ALA D 179 -23.83 -18.00 7.01
CA ALA D 179 -25.23 -17.61 6.98
C ALA D 179 -25.52 -16.69 5.79
N TYR D 180 -26.42 -17.11 4.92
CA TYR D 180 -26.82 -16.31 3.77
C TYR D 180 -27.45 -15.00 4.23
N ILE D 181 -28.14 -15.06 5.37
CA ILE D 181 -28.92 -13.92 5.83
C ILE D 181 -27.98 -12.77 6.23
N CYS D 182 -26.72 -13.08 6.51
CA CYS D 182 -25.76 -12.06 6.91
C CYS D 182 -25.36 -11.14 5.76
N GLY D 183 -25.83 -11.41 4.54
CA GLY D 183 -25.69 -10.48 3.44
C GLY D 183 -26.79 -9.41 3.42
N GLU D 184 -27.92 -9.69 4.09
CA GLU D 184 -28.94 -8.68 4.31
C GLU D 184 -28.29 -7.60 5.19
N GLU D 185 -28.46 -6.34 4.81
CA GLU D 185 -27.57 -5.28 5.29
C GLU D 185 -27.69 -5.12 6.80
N THR D 186 -28.89 -5.32 7.36
CA THR D 186 -29.05 -5.09 8.80
C THR D 186 -28.51 -6.29 9.58
N ALA D 187 -28.67 -7.51 9.04
CA ALA D 187 -28.12 -8.69 9.68
C ALA D 187 -26.59 -8.66 9.61
N LEU D 188 -26.07 -8.06 8.55
CA LEU D 188 -24.64 -7.93 8.37
C LEU D 188 -24.07 -7.05 9.50
N ILE D 189 -24.74 -5.93 9.74
CA ILE D 189 -24.36 -5.00 10.79
C ILE D 189 -24.41 -5.70 12.15
N GLU D 190 -25.48 -6.45 12.41
CA GLU D 190 -25.59 -7.20 13.66
C GLU D 190 -24.40 -8.13 13.80
N SER D 191 -23.97 -8.76 12.69
CA SER D 191 -22.84 -9.68 12.70
C SER D 191 -21.54 -8.91 12.97
N LEU D 192 -21.40 -7.72 12.39
CA LEU D 192 -20.24 -6.89 12.65
C LEU D 192 -20.19 -6.49 14.12
N GLU D 193 -21.37 -6.42 14.77
CA GLU D 193 -21.43 -6.05 16.17
C GLU D 193 -21.14 -7.26 17.06
N GLY D 194 -20.98 -8.44 16.44
CA GLY D 194 -20.58 -9.62 17.18
C GLY D 194 -21.77 -10.48 17.60
N LYS D 195 -22.90 -10.34 16.91
CA LYS D 195 -24.11 -11.04 17.30
C LYS D 195 -24.51 -12.03 16.21
N ARG D 196 -25.63 -12.71 16.46
CA ARG D 196 -26.29 -13.50 15.43
C ARG D 196 -26.76 -12.59 14.32
N GLY D 197 -26.81 -13.13 13.12
CA GLY D 197 -27.28 -12.39 11.96
C GLY D 197 -28.81 -12.36 11.88
N HIS D 198 -29.43 -11.57 12.76
CA HIS D 198 -30.86 -11.31 12.73
C HIS D 198 -31.14 -9.95 12.10
N PRO D 199 -31.81 -9.87 10.93
CA PRO D 199 -32.22 -8.58 10.36
C PRO D 199 -33.00 -7.75 11.36
N ARG D 200 -32.88 -6.42 11.23
CA ARG D 200 -33.60 -5.47 12.06
C ARG D 200 -34.78 -4.94 11.23
N LEU D 201 -35.88 -4.61 11.92
CA LEU D 201 -37.02 -3.95 11.30
C LEU D 201 -36.54 -2.64 10.66
N LYS D 202 -37.02 -2.40 9.43
CA LYS D 202 -36.68 -1.19 8.69
C LYS D 202 -37.97 -0.57 8.18
N PRO D 203 -38.12 0.78 8.13
CA PRO D 203 -37.15 1.73 8.67
C PRO D 203 -36.98 1.62 10.18
N PRO D 204 -35.89 2.13 10.78
CA PRO D 204 -34.86 2.89 10.05
C PRO D 204 -33.96 2.10 9.11
N TYR D 205 -33.53 2.75 8.02
CA TYR D 205 -32.51 2.21 7.17
C TYR D 205 -31.15 2.50 7.80
N PRO D 206 -30.11 1.72 7.44
CA PRO D 206 -28.78 1.90 8.02
C PRO D 206 -28.27 3.33 7.88
N VAL D 207 -28.66 4.02 6.79
CA VAL D 207 -28.18 5.38 6.54
C VAL D 207 -28.63 6.31 7.67
N GLN D 208 -29.74 5.94 8.33
CA GLN D 208 -30.20 6.68 9.49
C GLN D 208 -29.65 6.06 10.78
N LYS D 209 -29.77 4.73 10.92
CA LYS D 209 -29.30 4.04 12.12
C LYS D 209 -28.76 2.67 11.73
N GLY D 210 -27.45 2.46 11.94
CA GLY D 210 -26.74 1.29 11.42
C GLY D 210 -25.79 0.70 12.47
N LEU D 211 -24.49 0.64 12.14
CA LEU D 211 -23.48 0.15 13.05
C LEU D 211 -23.38 1.07 14.28
N TRP D 212 -23.52 0.46 15.46
CA TRP D 212 -23.61 1.17 16.74
C TRP D 212 -24.65 2.27 16.68
N GLY D 213 -25.68 2.12 15.85
CA GLY D 213 -26.77 3.09 15.80
C GLY D 213 -26.43 4.34 15.00
N LYS D 214 -25.26 4.37 14.34
CA LYS D 214 -24.81 5.56 13.63
C LYS D 214 -25.16 5.46 12.16
N PRO D 215 -25.26 6.60 11.42
CA PRO D 215 -25.45 6.57 9.96
C PRO D 215 -24.40 5.68 9.29
N THR D 216 -24.89 4.72 8.51
CA THR D 216 -24.07 3.69 7.92
C THR D 216 -24.53 3.47 6.48
N VAL D 217 -23.57 3.50 5.54
CA VAL D 217 -23.84 3.12 4.15
C VAL D 217 -23.35 1.70 3.95
N VAL D 218 -24.23 0.85 3.43
CA VAL D 218 -23.83 -0.47 2.99
C VAL D 218 -23.93 -0.46 1.47
N ASN D 219 -22.85 -0.86 0.81
CA ASN D 219 -22.83 -1.00 -0.64
C ASN D 219 -22.17 -2.30 -1.00
N ASN D 220 -22.61 -2.87 -2.12
CA ASN D 220 -22.09 -4.11 -2.68
C ASN D 220 -20.72 -3.87 -3.33
N VAL D 221 -19.87 -4.92 -3.34
CA VAL D 221 -18.56 -4.93 -3.95
C VAL D 221 -18.58 -4.30 -5.34
N GLU D 222 -19.42 -4.86 -6.23
CA GLU D 222 -19.49 -4.41 -7.61
C GLU D 222 -19.89 -2.94 -7.70
N THR D 223 -20.81 -2.48 -6.85
CA THR D 223 -21.20 -1.06 -6.80
C THR D 223 -19.95 -0.21 -6.54
N ILE D 224 -19.19 -0.59 -5.52
CA ILE D 224 -18.06 0.22 -5.07
C ILE D 224 -16.96 0.22 -6.13
N ALA D 225 -16.82 -0.91 -6.85
CA ALA D 225 -15.85 -1.08 -7.91
C ALA D 225 -16.06 -0.08 -9.06
N ASN D 226 -17.24 0.54 -9.16
CA ASN D 226 -17.53 1.54 -10.17
C ASN D 226 -17.03 2.93 -9.78
N VAL D 227 -16.80 3.18 -8.47
CA VAL D 227 -16.58 4.54 -7.98
C VAL D 227 -15.32 5.17 -8.64
N ARG D 228 -14.23 4.41 -8.74
CA ARG D 228 -13.02 4.87 -9.40
C ARG D 228 -13.31 5.44 -10.79
N PHE D 229 -14.13 4.73 -11.58
CA PHE D 229 -14.42 5.10 -12.96
C PHE D 229 -15.22 6.39 -13.04
N ILE D 230 -16.16 6.60 -12.11
CA ILE D 230 -16.97 7.80 -12.10
C ILE D 230 -16.10 9.04 -11.88
N ILE D 231 -15.12 8.91 -10.97
CA ILE D 231 -14.27 10.03 -10.61
C ILE D 231 -13.29 10.31 -11.76
N SER D 232 -12.66 9.24 -12.24
CA SER D 232 -11.67 9.30 -13.31
C SER D 232 -12.25 9.84 -14.63
N MET D 233 -13.37 9.29 -15.08
CA MET D 233 -13.94 9.68 -16.36
C MET D 233 -14.85 10.90 -16.21
N GLY D 234 -15.35 11.12 -14.99
CA GLY D 234 -16.46 12.05 -14.76
C GLY D 234 -17.79 11.38 -15.07
N TRP D 235 -18.87 11.89 -14.45
CA TRP D 235 -20.17 11.23 -14.53
C TRP D 235 -20.72 11.28 -15.94
N GLU D 236 -20.37 12.33 -16.68
CA GLU D 236 -20.92 12.53 -18.01
C GLU D 236 -20.41 11.41 -18.92
N GLU D 237 -19.10 11.15 -18.91
CA GLU D 237 -18.55 10.12 -19.77
C GLU D 237 -18.94 8.72 -19.28
N TYR D 238 -19.08 8.55 -17.96
CA TYR D 238 -19.53 7.27 -17.39
C TYR D 238 -20.91 6.90 -17.96
N ARG D 239 -21.75 7.92 -18.17
CA ARG D 239 -23.12 7.73 -18.62
C ARG D 239 -23.19 7.45 -20.13
N TYR D 240 -22.03 7.49 -20.82
CA TYR D 240 -21.95 7.09 -22.22
C TYR D 240 -21.95 5.57 -22.33
N ILE D 241 -21.66 4.89 -21.23
CA ILE D 241 -21.56 3.45 -21.23
C ILE D 241 -22.95 2.87 -21.06
N GLY D 242 -23.37 2.11 -22.07
CA GLY D 242 -24.68 1.48 -22.04
C GLY D 242 -25.77 2.51 -22.22
N PRO D 243 -27.03 2.19 -21.88
CA PRO D 243 -28.13 3.14 -22.02
C PRO D 243 -27.98 4.21 -20.94
N SER D 244 -28.36 5.44 -21.29
CA SER D 244 -28.16 6.60 -20.44
C SER D 244 -29.03 6.54 -19.18
N ASP D 245 -30.07 5.68 -19.16
CA ASP D 245 -30.93 5.57 -18.00
C ASP D 245 -30.46 4.47 -17.06
N TYR D 246 -29.69 3.49 -17.58
CA TYR D 246 -29.10 2.44 -16.75
C TYR D 246 -27.66 2.25 -17.18
N ALA D 247 -26.82 3.22 -16.80
CA ALA D 247 -25.50 3.39 -17.36
C ALA D 247 -24.46 2.60 -16.57
N GLY D 248 -23.35 2.35 -17.25
CA GLY D 248 -22.15 1.80 -16.64
C GLY D 248 -21.97 0.34 -16.97
N PRO D 249 -20.79 -0.24 -16.65
CA PRO D 249 -20.58 -1.66 -16.80
C PRO D 249 -21.49 -2.40 -15.83
N LYS D 250 -21.77 -3.67 -16.17
CA LYS D 250 -22.42 -4.62 -15.27
C LYS D 250 -21.78 -5.99 -15.46
N LEU D 251 -21.63 -6.72 -14.34
CA LEU D 251 -21.13 -8.08 -14.37
C LEU D 251 -22.31 -9.05 -14.37
N PHE D 252 -22.21 -10.10 -15.19
CA PHE D 252 -23.24 -11.11 -15.29
C PHE D 252 -22.61 -12.47 -15.05
N PRO D 253 -22.84 -13.12 -13.88
CA PRO D 253 -22.38 -14.49 -13.67
C PRO D 253 -23.36 -15.47 -14.32
N VAL D 254 -22.86 -16.20 -15.32
CA VAL D 254 -23.66 -17.13 -16.10
C VAL D 254 -23.18 -18.55 -15.79
N SER D 255 -24.14 -19.42 -15.43
CA SER D 255 -23.83 -20.81 -15.09
C SER D 255 -24.92 -21.76 -15.61
N GLY D 256 -24.75 -23.07 -15.35
CA GLY D 256 -25.73 -24.05 -15.78
C GLY D 256 -25.40 -24.51 -17.20
N LYS D 257 -26.43 -24.62 -18.03
CA LYS D 257 -26.30 -25.35 -19.29
C LYS D 257 -25.88 -24.44 -20.44
N VAL D 258 -24.78 -23.69 -20.25
CA VAL D 258 -24.18 -22.93 -21.33
C VAL D 258 -22.78 -23.49 -21.61
N LYS D 259 -22.25 -23.15 -22.80
CA LYS D 259 -20.95 -23.67 -23.23
C LYS D 259 -19.82 -22.93 -22.52
N LYS D 260 -19.99 -21.62 -22.24
CA LYS D 260 -18.92 -20.82 -21.68
C LYS D 260 -19.38 -20.18 -20.37
N PRO D 261 -19.63 -20.98 -19.30
CA PRO D 261 -20.02 -20.42 -18.02
C PRO D 261 -18.89 -19.56 -17.47
N GLY D 262 -19.27 -18.43 -16.89
CA GLY D 262 -18.32 -17.52 -16.28
C GLY D 262 -18.96 -16.14 -16.12
N VAL D 263 -18.10 -15.13 -15.93
CA VAL D 263 -18.58 -13.77 -15.66
C VAL D 263 -18.31 -12.89 -16.88
N TYR D 264 -19.33 -12.14 -17.31
CA TYR D 264 -19.28 -11.29 -18.49
C TYR D 264 -19.52 -9.86 -18.05
N GLU D 265 -18.57 -8.97 -18.37
CA GLU D 265 -18.77 -7.56 -18.20
C GLU D 265 -19.39 -7.00 -19.48
N LEU D 266 -20.61 -6.48 -19.38
CA LEU D 266 -21.44 -6.10 -20.52
C LEU D 266 -22.25 -4.86 -20.13
N PRO D 267 -22.67 -4.03 -21.11
CA PRO D 267 -23.69 -3.00 -20.87
C PRO D 267 -25.09 -3.57 -20.68
N MET D 268 -25.92 -2.82 -19.95
CA MET D 268 -27.17 -3.31 -19.42
C MET D 268 -28.27 -3.25 -20.48
N ASN D 269 -27.94 -2.74 -21.68
CA ASN D 269 -28.84 -2.83 -22.81
C ASN D 269 -28.68 -4.17 -23.53
N THR D 270 -27.69 -4.98 -23.13
CA THR D 270 -27.60 -6.36 -23.58
C THR D 270 -28.90 -7.08 -23.22
N THR D 271 -29.40 -7.93 -24.11
CA THR D 271 -30.58 -8.74 -23.79
C THR D 271 -30.13 -10.06 -23.17
N LEU D 272 -31.08 -10.73 -22.51
CA LEU D 272 -30.85 -12.03 -21.91
C LEU D 272 -30.47 -13.07 -22.98
N ARG D 273 -31.11 -13.01 -24.16
CA ARG D 273 -30.77 -13.93 -25.25
C ARG D 273 -29.31 -13.74 -25.67
N GLU D 274 -28.86 -12.47 -25.81
CA GLU D 274 -27.48 -12.16 -26.19
C GLU D 274 -26.48 -12.69 -25.16
N VAL D 275 -26.79 -12.58 -23.86
CA VAL D 275 -25.90 -13.06 -22.81
C VAL D 275 -25.62 -14.56 -23.02
N ILE D 276 -26.69 -15.31 -23.23
CA ILE D 276 -26.63 -16.76 -23.32
C ILE D 276 -25.98 -17.19 -24.63
N PHE D 277 -26.47 -16.64 -25.76
CA PHE D 277 -26.11 -17.13 -27.08
C PHE D 277 -24.96 -16.33 -27.70
N LYS D 278 -24.95 -15.00 -27.53
CA LYS D 278 -23.91 -14.20 -28.14
C LYS D 278 -22.62 -14.25 -27.32
N TYR D 279 -22.72 -14.26 -25.98
CA TYR D 279 -21.52 -14.17 -25.16
C TYR D 279 -21.16 -15.54 -24.58
N ALA D 280 -22.11 -16.23 -23.94
CA ALA D 280 -21.77 -17.45 -23.22
C ALA D 280 -21.72 -18.69 -24.12
N GLY D 281 -21.85 -18.51 -25.44
CA GLY D 281 -21.60 -19.58 -26.40
C GLY D 281 -22.81 -20.47 -26.70
N GLY D 282 -24.00 -20.09 -26.25
CA GLY D 282 -25.19 -20.91 -26.44
C GLY D 282 -25.27 -22.01 -25.37
N THR D 283 -26.16 -22.96 -25.61
CA THR D 283 -26.47 -24.00 -24.63
C THR D 283 -25.62 -25.24 -24.87
N LEU D 284 -25.39 -26.01 -23.80
CA LEU D 284 -24.75 -27.32 -23.90
C LEU D 284 -25.59 -28.21 -24.80
N GLY D 285 -24.97 -28.80 -25.82
CA GLY D 285 -25.64 -29.72 -26.74
C GLY D 285 -26.61 -29.00 -27.68
N ASN D 286 -26.62 -27.66 -27.67
CA ASN D 286 -27.55 -26.87 -28.48
C ASN D 286 -28.99 -27.26 -28.14
N LYS D 287 -29.25 -27.67 -26.90
CA LYS D 287 -30.59 -27.95 -26.44
C LYS D 287 -31.33 -26.62 -26.25
N LYS D 288 -32.67 -26.66 -26.35
CA LYS D 288 -33.50 -25.48 -26.19
C LYS D 288 -33.45 -25.00 -24.73
N VAL D 289 -33.41 -23.68 -24.55
CA VAL D 289 -33.55 -23.07 -23.23
C VAL D 289 -34.97 -23.33 -22.71
N LYS D 290 -35.07 -23.85 -21.48
CA LYS D 290 -36.36 -24.02 -20.83
C LYS D 290 -36.63 -22.85 -19.88
N ALA D 291 -35.67 -22.57 -19.02
CA ALA D 291 -35.84 -21.46 -18.09
C ALA D 291 -34.49 -20.88 -17.72
N VAL D 292 -34.55 -19.66 -17.19
CA VAL D 292 -33.42 -19.00 -16.58
C VAL D 292 -33.82 -18.60 -15.16
N PHE D 293 -33.06 -19.08 -14.18
CA PHE D 293 -33.22 -18.63 -12.81
C PHE D 293 -32.29 -17.43 -12.57
N SER D 294 -32.89 -16.29 -12.21
CA SER D 294 -32.17 -15.12 -11.74
C SER D 294 -31.85 -15.38 -10.27
N GLY D 295 -30.79 -16.13 -10.01
CA GLY D 295 -30.46 -16.55 -8.67
C GLY D 295 -31.59 -17.38 -8.09
N ALA D 296 -31.97 -17.10 -6.84
CA ALA D 296 -33.13 -17.73 -6.21
C ALA D 296 -34.32 -16.77 -6.18
N LEU D 297 -34.34 -15.77 -7.08
CA LEU D 297 -35.28 -14.66 -7.03
C LEU D 297 -36.39 -14.79 -8.09
N ASP D 298 -36.00 -15.02 -9.36
CA ASP D 298 -36.96 -15.04 -10.46
C ASP D 298 -36.70 -16.22 -11.40
N CYS D 299 -37.78 -16.66 -12.06
CA CYS D 299 -37.71 -17.68 -13.09
C CYS D 299 -38.29 -17.09 -14.35
N PHE D 300 -37.45 -16.98 -15.38
CA PHE D 300 -37.87 -16.48 -16.67
C PHE D 300 -37.97 -17.67 -17.61
N SER D 301 -39.04 -17.69 -18.43
CA SER D 301 -39.24 -18.75 -19.42
C SER D 301 -38.50 -18.42 -20.72
N SER D 302 -38.59 -19.33 -21.69
CA SER D 302 -37.96 -19.21 -23.00
C SER D 302 -38.63 -18.11 -23.83
N GLU D 303 -39.85 -17.74 -23.46
CA GLU D 303 -40.58 -16.65 -24.11
C GLU D 303 -40.13 -15.27 -23.59
N GLU D 304 -39.23 -15.22 -22.61
CA GLU D 304 -38.86 -13.96 -22.00
C GLU D 304 -37.39 -13.62 -22.23
N LEU D 305 -36.74 -14.14 -23.29
CA LEU D 305 -35.30 -14.01 -23.43
C LEU D 305 -34.91 -12.67 -24.05
N ASP D 306 -35.88 -11.94 -24.61
CA ASP D 306 -35.59 -10.67 -25.26
C ASP D 306 -35.70 -9.48 -24.29
N ILE D 307 -35.51 -9.68 -23.00
CA ILE D 307 -35.65 -8.57 -22.08
C ILE D 307 -34.28 -7.95 -21.85
N PRO D 308 -34.20 -6.62 -21.59
CA PRO D 308 -32.91 -5.98 -21.28
C PRO D 308 -32.41 -6.39 -19.91
N MET D 309 -31.07 -6.44 -19.76
CA MET D 309 -30.42 -6.86 -18.52
C MET D 309 -30.21 -5.64 -17.62
N ASP D 310 -31.30 -4.89 -17.39
CA ASP D 310 -31.22 -3.61 -16.71
C ASP D 310 -32.13 -3.67 -15.48
N TYR D 311 -32.29 -2.52 -14.79
CA TYR D 311 -33.11 -2.43 -13.59
C TYR D 311 -34.44 -1.77 -13.91
N SER D 312 -34.91 -1.91 -15.15
CA SER D 312 -36.19 -1.38 -15.56
C SER D 312 -37.31 -2.30 -15.09
N PRO D 313 -38.57 -1.80 -14.98
CA PRO D 313 -39.72 -2.66 -14.67
C PRO D 313 -39.81 -3.94 -15.49
N LEU D 314 -39.50 -3.91 -16.80
CA LEU D 314 -39.62 -5.11 -17.63
C LEU D 314 -38.26 -5.78 -17.83
N GLY D 315 -37.21 -5.33 -17.14
CA GLY D 315 -35.88 -5.86 -17.33
C GLY D 315 -35.61 -7.07 -16.42
N PHE D 316 -34.41 -7.64 -16.56
CA PHE D 316 -34.05 -8.83 -15.82
C PHE D 316 -33.87 -8.47 -14.34
N GLY D 317 -33.08 -7.41 -14.08
CA GLY D 317 -32.89 -6.93 -12.72
C GLY D 317 -32.06 -7.92 -11.89
N GLY D 318 -32.31 -7.90 -10.57
CA GLY D 318 -31.60 -8.76 -9.63
C GLY D 318 -30.09 -8.52 -9.67
N THR D 319 -29.31 -9.59 -9.41
CA THR D 319 -27.85 -9.54 -9.38
C THR D 319 -27.26 -9.57 -10.80
N GLY D 320 -28.08 -9.85 -11.83
CA GLY D 320 -27.61 -10.19 -13.16
C GLY D 320 -27.26 -11.67 -13.30
N THR D 321 -27.64 -12.50 -12.30
CA THR D 321 -27.30 -13.90 -12.27
C THR D 321 -28.16 -14.68 -13.27
N VAL D 322 -27.51 -15.52 -14.08
CA VAL D 322 -28.16 -16.22 -15.17
C VAL D 322 -27.82 -17.70 -15.05
N ILE D 323 -28.74 -18.46 -14.45
CA ILE D 323 -28.64 -19.91 -14.40
C ILE D 323 -29.55 -20.48 -15.49
N VAL D 324 -28.95 -21.18 -16.46
CA VAL D 324 -29.67 -21.65 -17.64
C VAL D 324 -30.07 -23.11 -17.43
N LEU D 325 -31.36 -23.40 -17.58
CA LEU D 325 -31.87 -24.76 -17.63
C LEU D 325 -32.34 -25.04 -19.06
N THR D 326 -32.08 -26.26 -19.54
CA THR D 326 -32.52 -26.62 -20.88
C THR D 326 -33.64 -27.65 -20.82
N GLU D 327 -34.04 -28.14 -22.00
CA GLU D 327 -35.33 -28.78 -22.21
C GLU D 327 -35.51 -30.08 -21.41
N GLU D 328 -34.41 -30.73 -21.02
CA GLU D 328 -34.52 -31.98 -20.29
C GLU D 328 -34.41 -31.78 -18.78
N ASP D 329 -34.31 -30.53 -18.33
CA ASP D 329 -34.16 -30.27 -16.90
C ASP D 329 -35.55 -30.22 -16.26
N ASP D 330 -35.72 -30.99 -15.19
CA ASP D 330 -36.99 -31.09 -14.48
C ASP D 330 -37.18 -29.83 -13.62
N ILE D 331 -38.23 -29.06 -13.92
CA ILE D 331 -38.45 -27.78 -13.27
C ILE D 331 -38.85 -27.99 -11.80
N VAL D 332 -39.48 -29.12 -11.48
CA VAL D 332 -39.92 -29.39 -10.11
C VAL D 332 -38.70 -29.75 -9.27
N GLU D 333 -37.81 -30.58 -9.82
CA GLU D 333 -36.55 -30.87 -9.15
C GLU D 333 -35.80 -29.56 -8.84
N ALA D 334 -35.82 -28.62 -9.79
CA ALA D 334 -35.08 -27.38 -9.65
C ALA D 334 -35.75 -26.48 -8.61
N ALA D 335 -37.09 -26.41 -8.63
CA ALA D 335 -37.85 -25.72 -7.59
C ALA D 335 -37.56 -26.30 -6.21
N LEU D 336 -37.44 -27.62 -6.12
CA LEU D 336 -37.11 -28.27 -4.85
C LEU D 336 -35.81 -27.68 -4.32
N LYS D 337 -34.79 -27.59 -5.19
CA LYS D 337 -33.48 -27.07 -4.77
C LYS D 337 -33.62 -25.64 -4.23
N ILE D 338 -34.50 -24.83 -4.82
CA ILE D 338 -34.66 -23.46 -4.40
C ILE D 338 -35.34 -23.45 -3.03
N ALA D 339 -36.34 -24.32 -2.83
CA ALA D 339 -37.05 -24.45 -1.58
C ALA D 339 -36.07 -24.84 -0.46
N GLU D 340 -35.18 -25.78 -0.78
CA GLU D 340 -34.22 -26.28 0.21
C GLU D 340 -33.27 -25.16 0.64
N PHE D 341 -32.90 -24.31 -0.32
CA PHE D 341 -32.05 -23.16 -0.03
C PHE D 341 -32.71 -22.28 1.03
N TYR D 342 -33.94 -21.83 0.77
CA TYR D 342 -34.62 -20.92 1.70
C TYR D 342 -34.87 -21.60 3.05
N GLU D 343 -35.27 -22.87 3.05
CA GLU D 343 -35.39 -23.64 4.28
C GLU D 343 -34.11 -23.53 5.11
N HIS D 344 -32.98 -23.61 4.43
CA HIS D 344 -31.68 -23.69 5.09
C HIS D 344 -31.27 -22.33 5.64
N GLU D 345 -31.86 -21.22 5.16
CA GLU D 345 -31.28 -19.90 5.41
C GLU D 345 -32.20 -18.94 6.18
N THR D 346 -33.50 -19.23 6.31
CA THR D 346 -34.35 -18.38 7.14
C THR D 346 -33.74 -18.28 8.54
N CYS D 347 -33.74 -17.08 9.13
CA CYS D 347 -33.19 -16.90 10.47
C CYS D 347 -34.20 -17.23 11.57
N GLY D 348 -35.49 -17.34 11.24
CA GLY D 348 -36.48 -17.85 12.19
C GLY D 348 -37.21 -16.76 12.98
N GLN D 349 -36.81 -15.49 12.86
CA GLN D 349 -37.38 -14.42 13.68
C GLN D 349 -38.87 -14.25 13.42
N CYS D 350 -39.30 -14.37 12.16
CA CYS D 350 -40.68 -14.12 11.78
C CYS D 350 -41.38 -15.46 11.60
N THR D 351 -42.61 -15.59 12.10
CA THR D 351 -43.22 -16.92 12.20
C THR D 351 -43.55 -17.47 10.81
N PRO D 352 -44.23 -16.73 9.90
CA PRO D 352 -44.54 -17.27 8.58
C PRO D 352 -43.30 -17.60 7.77
N CYS D 353 -42.25 -16.78 7.87
CA CYS D 353 -40.99 -17.12 7.21
C CYS D 353 -40.37 -18.39 7.79
N ARG D 354 -40.31 -18.48 9.13
CA ARG D 354 -39.75 -19.65 9.79
C ARG D 354 -40.46 -20.95 9.38
N VAL D 355 -41.79 -20.98 9.50
CA VAL D 355 -42.51 -22.22 9.28
C VAL D 355 -42.70 -22.42 7.77
N GLY D 356 -43.00 -21.34 7.05
CA GLY D 356 -43.20 -21.36 5.61
C GLY D 356 -42.00 -21.90 4.81
N CYS D 357 -40.79 -21.38 5.06
CA CYS D 357 -39.61 -21.88 4.36
C CYS D 357 -39.45 -23.38 4.65
N TYR D 358 -39.66 -23.79 5.90
CA TYR D 358 -39.53 -25.18 6.27
C TYR D 358 -40.57 -26.03 5.51
N GLU D 359 -41.86 -25.65 5.58
CA GLU D 359 -42.96 -26.45 5.07
C GLU D 359 -42.94 -26.50 3.54
N GLN D 360 -42.63 -25.37 2.89
CA GLN D 360 -42.50 -25.34 1.45
C GLN D 360 -41.54 -26.43 0.98
N ALA D 361 -40.36 -26.51 1.60
CA ALA D 361 -39.36 -27.51 1.25
C ALA D 361 -39.83 -28.93 1.60
N ASN D 362 -40.34 -29.12 2.82
CA ASN D 362 -40.76 -30.42 3.32
C ASN D 362 -41.82 -31.02 2.40
N LEU D 363 -42.80 -30.21 1.99
CA LEU D 363 -43.91 -30.69 1.19
C LEU D 363 -43.48 -30.88 -0.27
N LEU D 364 -42.64 -29.97 -0.77
CA LEU D 364 -42.19 -30.06 -2.15
C LEU D 364 -41.37 -31.35 -2.34
N GLU D 365 -40.59 -31.72 -1.31
CA GLU D 365 -39.88 -32.99 -1.32
C GLU D 365 -40.85 -34.17 -1.43
N LYS D 366 -41.97 -34.10 -0.69
CA LYS D 366 -42.98 -35.15 -0.75
C LYS D 366 -43.55 -35.21 -2.15
N ILE D 367 -43.79 -34.04 -2.75
CA ILE D 367 -44.38 -33.97 -4.07
C ILE D 367 -43.41 -34.59 -5.08
N TYR D 368 -42.12 -34.22 -5.00
CA TYR D 368 -41.14 -34.67 -5.97
C TYR D 368 -40.94 -36.18 -5.85
N LYS D 369 -41.05 -36.71 -4.63
CA LYS D 369 -40.83 -38.12 -4.40
C LYS D 369 -42.10 -38.94 -4.65
N GLY D 370 -43.20 -38.29 -5.03
CA GLY D 370 -44.44 -38.99 -5.30
C GLY D 370 -45.10 -39.53 -4.02
N GLU D 371 -44.87 -38.86 -2.88
CA GLU D 371 -45.40 -39.32 -1.61
C GLU D 371 -46.34 -38.29 -0.99
N ALA D 372 -46.80 -37.31 -1.79
CA ALA D 372 -47.63 -36.25 -1.28
C ALA D 372 -49.08 -36.69 -1.30
N THR D 373 -49.78 -36.47 -0.16
CA THR D 373 -51.22 -36.63 -0.09
C THR D 373 -51.83 -35.42 -0.79
N GLU D 374 -53.14 -35.48 -1.04
CA GLU D 374 -53.83 -34.34 -1.58
C GLU D 374 -53.72 -33.14 -0.64
N GLN D 375 -53.81 -33.39 0.68
N GLN D 375 -53.81 -33.41 0.67
CA GLN D 375 -53.66 -32.34 1.67
CA GLN D 375 -53.68 -32.35 1.68
C GLN D 375 -52.30 -31.68 1.49
C GLN D 375 -52.31 -31.69 1.52
N ASP D 376 -51.25 -32.49 1.41
CA ASP D 376 -49.89 -32.00 1.17
C ASP D 376 -49.84 -31.04 -0.03
N TRP D 377 -50.53 -31.37 -1.13
CA TRP D 377 -50.54 -30.55 -2.34
C TRP D 377 -51.19 -29.20 -2.08
N GLU D 378 -52.34 -29.22 -1.41
CA GLU D 378 -53.05 -28.00 -1.07
C GLU D 378 -52.22 -27.18 -0.08
N GLY D 379 -51.59 -27.88 0.87
CA GLY D 379 -50.75 -27.27 1.87
C GLY D 379 -49.59 -26.53 1.21
N PHE D 380 -48.95 -27.19 0.25
CA PHE D 380 -47.77 -26.66 -0.41
C PHE D 380 -48.17 -25.37 -1.12
N ASP D 381 -49.27 -25.43 -1.87
CA ASP D 381 -49.76 -24.24 -2.54
C ASP D 381 -49.97 -23.12 -1.50
N PHE D 382 -50.65 -23.45 -0.38
CA PHE D 382 -50.98 -22.44 0.60
C PHE D 382 -49.69 -21.84 1.18
N VAL D 383 -48.75 -22.68 1.62
CA VAL D 383 -47.58 -22.18 2.31
C VAL D 383 -46.77 -21.32 1.34
N ASN D 384 -46.70 -21.72 0.08
CA ASN D 384 -45.93 -20.97 -0.91
C ASN D 384 -46.43 -19.53 -0.97
N ARG D 385 -47.74 -19.32 -0.77
CA ARG D 385 -48.35 -18.00 -0.88
C ARG D 385 -48.32 -17.22 0.45
N ASN D 386 -47.72 -17.77 1.50
CA ASN D 386 -47.92 -17.23 2.85
C ASN D 386 -46.62 -17.26 3.64
N ILE D 387 -45.50 -17.08 2.95
CA ILE D 387 -44.22 -16.98 3.63
C ILE D 387 -43.97 -15.52 3.98
N GLN D 388 -44.42 -14.62 3.11
CA GLN D 388 -44.16 -13.19 3.21
C GLN D 388 -44.79 -12.52 4.45
N PRO D 389 -46.06 -12.78 4.84
CA PRO D 389 -46.72 -11.95 5.86
C PRO D 389 -45.92 -11.80 7.16
N THR D 390 -45.83 -10.52 7.60
CA THR D 390 -45.15 -10.05 8.81
C THR D 390 -43.63 -10.05 8.65
N SER D 391 -43.10 -10.41 7.48
CA SER D 391 -41.68 -10.57 7.33
C SER D 391 -40.98 -9.22 7.51
N ILE D 392 -39.80 -9.20 8.14
CA ILE D 392 -39.06 -7.95 8.29
C ILE D 392 -37.85 -7.90 7.36
N CYS D 393 -37.65 -8.86 6.46
CA CYS D 393 -36.58 -8.75 5.49
C CYS D 393 -36.99 -9.40 4.17
N GLY D 394 -36.16 -9.17 3.17
CA GLY D 394 -36.46 -9.59 1.81
C GLY D 394 -36.46 -11.11 1.62
N LEU D 395 -35.87 -11.89 2.54
CA LEU D 395 -35.82 -13.33 2.37
C LEU D 395 -37.25 -13.88 2.44
N GLY D 396 -37.97 -13.52 3.50
CA GLY D 396 -39.36 -13.91 3.65
C GLY D 396 -40.24 -13.34 2.54
N ALA D 397 -39.88 -12.15 2.05
CA ALA D 397 -40.65 -11.51 0.99
C ALA D 397 -40.57 -12.31 -0.32
N VAL D 398 -39.48 -13.05 -0.58
CA VAL D 398 -39.29 -13.66 -1.89
C VAL D 398 -39.11 -15.17 -1.80
N ALA D 399 -39.19 -15.78 -0.62
CA ALA D 399 -38.91 -17.21 -0.51
C ALA D 399 -39.85 -18.04 -1.38
N GLY D 400 -41.07 -17.54 -1.68
CA GLY D 400 -42.02 -18.26 -2.51
C GLY D 400 -42.04 -17.79 -3.98
N ARG D 401 -41.21 -16.80 -4.34
CA ARG D 401 -41.45 -16.03 -5.55
C ARG D 401 -41.13 -16.86 -6.80
N LEU D 402 -39.89 -17.34 -6.89
CA LEU D 402 -39.45 -18.12 -8.05
C LEU D 402 -40.30 -19.37 -8.20
N ILE D 403 -40.59 -20.04 -7.09
CA ILE D 403 -41.36 -21.28 -7.17
C ILE D 403 -42.76 -20.97 -7.71
N ARG D 404 -43.37 -19.86 -7.28
CA ARG D 404 -44.68 -19.45 -7.79
C ARG D 404 -44.61 -19.23 -9.31
N GLN D 405 -43.55 -18.55 -9.77
CA GLN D 405 -43.38 -18.32 -11.19
C GLN D 405 -43.27 -19.65 -11.95
N THR D 406 -42.58 -20.66 -11.39
CA THR D 406 -42.52 -21.96 -12.05
C THR D 406 -43.92 -22.56 -12.13
N LEU D 407 -44.74 -22.42 -11.07
CA LEU D 407 -46.09 -22.94 -11.07
C LEU D 407 -46.93 -22.26 -12.15
N GLU D 408 -46.70 -20.98 -12.36
CA GLU D 408 -47.46 -20.23 -13.35
C GLU D 408 -46.97 -20.51 -14.77
N LYS D 409 -45.67 -20.68 -14.97
CA LYS D 409 -45.09 -20.71 -16.31
C LYS D 409 -44.87 -22.16 -16.81
N PHE D 410 -44.82 -23.13 -15.90
CA PHE D 410 -44.66 -24.53 -16.28
C PHE D 410 -45.74 -25.40 -15.64
N PRO D 411 -47.06 -25.10 -15.86
CA PRO D 411 -48.12 -25.85 -15.22
C PRO D 411 -48.19 -27.32 -15.64
N GLU D 412 -47.83 -27.61 -16.90
CA GLU D 412 -47.86 -28.98 -17.42
C GLU D 412 -46.91 -29.88 -16.62
N GLU D 413 -45.69 -29.43 -16.33
CA GLU D 413 -44.73 -30.21 -15.57
C GLU D 413 -45.25 -30.51 -14.15
N TRP D 414 -45.79 -29.48 -13.49
CA TRP D 414 -46.29 -29.63 -12.14
C TRP D 414 -47.45 -30.64 -12.10
N GLU D 415 -48.38 -30.53 -13.06
CA GLU D 415 -49.54 -31.41 -13.12
C GLU D 415 -49.12 -32.87 -13.20
N LYS D 416 -48.04 -33.18 -13.91
CA LYS D 416 -47.53 -34.55 -13.99
C LYS D 416 -47.25 -35.10 -12.59
N TYR D 417 -46.61 -34.27 -11.75
CA TYR D 417 -46.32 -34.64 -10.38
C TYR D 417 -47.61 -34.72 -9.54
N ARG D 418 -48.65 -33.98 -9.94
CA ARG D 418 -49.93 -34.00 -9.23
C ARG D 418 -50.74 -35.24 -9.62
N LYS D 419 -50.25 -36.05 -10.58
CA LYS D 419 -50.96 -37.23 -11.04
C LYS D 419 -49.99 -38.44 -11.06
FE1 FES E . 17.84 7.92 -8.54
FE2 FES E . 18.88 7.60 -6.07
S1 FES E . 17.03 8.66 -6.62
S2 FES E . 19.64 6.79 -7.98
S SO4 F . 24.36 28.33 -15.13
O1 SO4 F . 24.18 28.97 -13.85
O2 SO4 F . 25.44 29.01 -15.81
O3 SO4 F . 24.71 26.94 -14.94
O4 SO4 F . 23.13 28.43 -15.92
S SO4 G . 31.28 39.83 10.05
O1 SO4 G . 31.95 41.07 10.38
O2 SO4 G . 30.20 39.60 10.99
O3 SO4 G . 30.74 39.92 8.73
O4 SO4 G . 32.23 38.74 10.12
NA NA H . 2.71 7.15 -26.51
FE1 SF4 I . 37.68 16.91 -2.54
FE2 SF4 I . 39.82 18.03 -3.78
FE3 SF4 I . 37.32 18.94 -4.32
FE4 SF4 I . 38.10 16.46 -5.21
S1 SF4 I . 38.94 18.52 -5.85
S2 SF4 I . 36.13 17.00 -4.23
S3 SF4 I . 39.43 15.78 -3.45
S4 SF4 I . 38.46 19.07 -2.31
C9A FNR J . 30.43 13.30 3.39
N10 FNR J . 29.80 13.10 4.66
CAA FNR J . 28.41 13.25 4.76
N1 FNR J . 27.82 13.08 5.99
C2 FNR J . 26.48 13.26 6.18
O2 FNR J . 25.97 13.27 7.30
N3 FNR J . 25.72 13.51 5.06
C4 FNR J . 26.21 13.71 3.79
O4 FNR J . 25.42 13.98 2.89
C4A FNR J . 27.65 13.58 3.67
N5 FNR J . 28.25 13.79 2.47
C5A FNR J . 29.63 13.68 2.31
C6 FNR J . 30.21 13.89 1.07
C7 FNR J . 31.58 13.73 0.87
C7M FNR J . 32.18 13.99 -0.48
C8 FNR J . 32.38 13.34 1.95
C8M FNR J . 33.83 13.03 1.73
C9 FNR J . 31.81 13.14 3.20
C1' FNR J . 30.58 12.79 5.86
C2' FNR J . 30.86 14.09 6.61
O2' FNR J . 32.04 14.73 6.07
C3' FNR J . 31.06 13.81 8.10
O3' FNR J . 31.90 12.67 8.24
C4' FNR J . 29.77 13.55 8.88
O4' FNR J . 28.73 14.47 8.57
C5' FNR J . 30.06 13.55 10.36
O5' FNR J . 28.89 13.13 11.10
P FNR J . 28.85 11.68 11.83
O1P FNR J . 27.57 11.77 12.66
O2P FNR J . 30.09 11.57 12.69
O3P FNR J . 28.77 10.61 10.76
PA NAI K . 36.55 11.04 8.29
O1A NAI K . 36.83 9.63 8.60
O2A NAI K . 37.68 11.82 7.80
O5B NAI K . 35.98 11.88 9.54
C5B NAI K . 34.77 11.42 10.20
C4B NAI K . 34.31 12.40 11.23
O4B NAI K . 35.21 12.31 12.36
C3B NAI K . 34.34 13.86 10.79
O3B NAI K . 33.32 14.61 11.44
C2B NAI K . 35.72 14.33 11.26
O2B NAI K . 35.72 15.71 11.56
C1B NAI K . 35.86 13.54 12.56
N9A NAI K . 37.24 13.24 12.93
C8A NAI K . 38.06 12.31 12.36
N7A NAI K . 39.25 12.24 12.89
C5A NAI K . 39.22 13.20 13.89
C6A NAI K . 40.18 13.64 14.80
N6A NAI K . 41.41 13.12 14.87
N1A NAI K . 39.84 14.60 15.67
C2A NAI K . 38.61 15.12 15.60
N3A NAI K . 37.61 14.81 14.77
C4A NAI K . 37.98 13.84 13.93
O3 NAI K . 35.46 11.02 7.14
PN NAI K . 34.76 12.07 6.19
O1N NAI K . 35.81 12.44 5.16
O2N NAI K . 34.21 13.29 6.89
O5D NAI K . 33.57 11.26 5.51
C5D NAI K . 33.73 10.11 4.63
C4D NAI K . 32.45 9.33 4.60
O4D NAI K . 31.40 10.12 4.02
C3D NAI K . 32.47 8.05 3.75
O3D NAI K . 32.70 6.91 4.57
C2D NAI K . 31.05 7.98 3.16
O2D NAI K . 30.36 6.81 3.60
C1D NAI K . 30.36 9.20 3.75
N1N NAI K . 29.40 9.84 2.84
C2N NAI K . 28.05 9.95 3.15
C3N NAI K . 27.15 10.50 2.31
C7N NAI K . 25.69 10.54 2.69
O7N NAI K . 24.87 11.01 1.88
N7N NAI K . 25.34 10.08 3.89
C4N NAI K . 27.60 11.09 0.99
C5N NAI K . 29.04 10.91 0.77
C6N NAI K . 29.84 10.33 1.64
C1 GOL L . 33.94 27.04 28.76
O1 GOL L . 34.95 26.07 29.03
C2 GOL L . 32.81 26.42 27.98
O2 GOL L . 32.67 25.06 28.42
C3 GOL L . 31.48 27.14 28.09
O3 GOL L . 30.44 26.44 27.41
C1 GOL M . -1.22 4.74 13.11
O1 GOL M . -0.94 5.88 13.89
C2 GOL M . -0.82 4.97 11.67
O2 GOL M . -0.85 3.75 10.94
C3 GOL M . -1.70 5.94 10.94
O3 GOL M . -1.07 6.36 9.73
NA NA N . 23.81 19.67 -1.65
NA NA O . 38.06 14.16 7.43
NA NA P . 2.18 8.13 16.83
FE1 FES Q . -22.87 -24.81 -6.16
FE2 FES Q . -23.25 -22.19 -6.62
S1 FES Q . -21.39 -23.19 -6.07
S2 FES Q . -24.72 -23.83 -6.85
S SO4 R . -18.82 -0.15 24.02
O1 SO4 R . -17.58 0.22 23.36
O2 SO4 R . -18.67 -1.47 24.56
O3 SO4 R . -19.12 0.78 25.08
O4 SO4 R . -19.90 -0.11 23.06
S SO4 S . -23.21 -27.44 16.12
O1 SO4 S . -22.56 -26.62 17.10
O2 SO4 S . -22.41 -28.62 15.83
O3 SO4 S . -24.50 -27.85 16.63
O4 SO4 S . -23.42 -26.70 14.91
FE1 SF4 T . -37.83 -12.64 9.13
FE2 SF4 T . -35.42 -13.85 9.34
FE3 SF4 T . -35.90 -12.22 7.21
FE4 SF4 T . -37.18 -14.62 7.42
S1 SF4 T . -34.95 -14.29 7.17
S2 SF4 T . -38.13 -12.64 6.84
S3 SF4 T . -37.45 -14.81 9.67
S4 SF4 T . -35.85 -11.59 9.44
C9A FNR U . -29.14 -9.19 0.55
N10 FNR U . -28.32 -8.20 -0.09
CAA FNR U . -27.01 -8.51 -0.38
N1 FNR U . -26.23 -7.55 -0.94
C2 FNR U . -24.92 -7.76 -1.27
O2 FNR U . -24.23 -6.86 -1.73
N3 FNR U . -24.44 -9.00 -1.00
C4 FNR U . -25.12 -10.06 -0.43
O4 FNR U . -24.56 -11.16 -0.30
C4A FNR U . -26.47 -9.74 -0.08
N5 FNR U . -27.23 -10.68 0.55
C5A FNR U . -28.57 -10.43 0.87
C6 FNR U . -29.33 -11.41 1.49
C7 FNR U . -30.67 -11.17 1.79
C7M FNR U . -31.50 -12.27 2.39
C8 FNR U . -31.25 -9.93 1.46
C8M FNR U . -32.71 -9.67 1.70
C9 FNR U . -30.48 -8.95 0.85
C1' FNR U . -28.83 -6.84 -0.35
C2' FNR U . -28.43 -5.91 0.78
O2' FNR U . -29.40 -5.96 1.83
C3' FNR U . -28.33 -4.48 0.28
O3' FNR U . -29.45 -4.16 -0.53
C4' FNR U . -27.08 -4.17 -0.54
O4' FNR U . -25.93 -4.78 0.05
C5' FNR U . -26.88 -2.68 -0.70
O5' FNR U . -25.78 -2.48 -1.58
P FNR U . -26.04 -1.91 -3.08
O1P FNR U . -27.01 -0.76 -2.99
O2P FNR U . -24.66 -1.49 -3.54
O3P FNR U . -26.61 -3.05 -3.89
PA NAI V . -34.23 -2.98 -0.72
O1A NAI V . -34.80 -2.59 -2.01
O2A NAI V . -35.07 -3.08 0.46
O5B NAI V . -33.01 -1.94 -0.28
C5B NAI V . -31.95 -1.61 -1.23
C4B NAI V . -30.94 -0.66 -0.64
O4B NAI V . -31.50 0.66 -0.67
C3B NAI V . -30.54 -0.94 0.81
O3B NAI V . -29.17 -0.64 1.06
C2B NAI V . -31.48 -0.03 1.61
O2B NAI V . -30.94 0.38 2.86
C1B NAI V . -31.64 1.17 0.65
N9A NAI V . -32.93 1.83 0.74
C8A NAI V . -34.15 1.40 0.27
N7A NAI V . -35.14 2.21 0.54
C5A NAI V . -34.55 3.24 1.24
C6A NAI V . -35.06 4.41 1.82
N6A NAI V . -36.35 4.76 1.79
N1A NAI V . -34.19 5.25 2.44
C2A NAI V . -32.89 4.91 2.48
N3A NAI V . -32.29 3.83 1.97
C4A NAI V . -33.18 3.03 1.37
O3 NAI V . -33.49 -4.38 -0.88
PN NAI V . -32.80 -5.38 0.13
O1N NAI V . -33.94 -6.05 0.92
O2N NAI V . -31.72 -4.78 0.93
O5D NAI V . -32.14 -6.49 -0.83
C5D NAI V . -32.88 -7.41 -1.67
C4D NAI V . -31.97 -7.85 -2.79
O4D NAI V . -30.87 -8.61 -2.27
C3D NAI V . -32.62 -8.75 -3.85
O3D NAI V . -33.00 -7.96 -4.98
C2D NAI V . -31.49 -9.74 -4.25
O2D NAI V . -31.15 -9.62 -5.64
C1D NAI V . -30.31 -9.28 -3.39
N1N NAI V . -29.47 -10.37 -2.90
C2N NAI V . -28.15 -10.49 -3.31
C3N NAI V . -27.35 -11.50 -2.91
C7N NAI V . -25.96 -11.55 -3.46
O7N NAI V . -25.24 -12.50 -3.14
N7N NAI V . -25.53 -10.57 -4.26
C4N NAI V . -27.84 -12.54 -1.97
C5N NAI V . -29.24 -12.30 -1.60
C6N NAI V . -29.97 -11.31 -2.06
C1 GOL W . -18.82 15.79 8.64
O1 GOL W . -18.45 14.61 7.93
C2 GOL W . -20.32 15.96 8.75
O2 GOL W . -20.92 15.79 7.46
C3 GOL W . -20.77 17.32 9.23
O3 GOL W . -21.89 17.78 8.47
C1 GOL X . -1.71 -10.94 -18.30
O1 GOL X . -1.04 -9.74 -17.96
C2 GOL X . -1.02 -12.14 -17.69
O2 GOL X . 0.04 -12.61 -18.51
C3 GOL X . -1.88 -13.34 -17.52
O3 GOL X . -1.22 -14.24 -16.64
NA NA Y . -22.29 -15.16 5.40
NA NA Z . -34.97 -3.13 2.85
NA NA AA . -11.57 -15.59 -8.51
NA NA BA . -13.72 19.63 -9.30
NA NA CA . -25.88 16.50 -5.38
NA NA DA . -3.78 -4.04 -17.55
#